data_1Y8V
# 
_entry.id   1Y8V 
# 
_audit_conform.dict_name       mmcif_pdbx.dic 
_audit_conform.dict_version    5.376 
_audit_conform.dict_location   http://mmcif.pdb.org/dictionaries/ascii/mmcif_pdbx.dic 
# 
loop_
_database_2.database_id 
_database_2.database_code 
_database_2.pdbx_database_accession 
_database_2.pdbx_DOI 
PDB   1Y8V         pdb_00001y8v 10.2210/pdb1y8v/pdb 
NDB   AD0042       ?            ?                   
RCSB  RCSB031262   ?            ?                   
WWPDB D_1000031262 ?            ?                   
# 
loop_
_pdbx_database_related.db_name 
_pdbx_database_related.db_id 
_pdbx_database_related.details 
_pdbx_database_related.content_type 
PDB 1Y7F 
;Crystal structure of the A-DNA GCGTAT*CGC with a 2'-O-[2-[hydroxy(methyleneamino)oxy]ethyl] Thymidine (T*)
;
unspecified 
PDB 1Y84 
;Crystal structure of the A-DNA GCGTAT*CGC with a 2'-O-[2-(imidazolyl)ethyl] Thymidine (T*)
;
unspecified 
PDB 1Y86 
;Crystal structure of the A-DNA GCGTAT*CGC with a 2'-O-[2-(fluoro)ethyl] Thymidine (T*)
;
unspecified 
PDB 1Y8L 
;Crystal structure of the A-DNA GCGTAT*CGC with a 2'-O-[2-(trifluoro)ethyl] Thymidine (T*)
;
unspecified 
PDB 1Y9F 
;Crystal structure of the A-DNA GCGTAT*CGC with a 2'-O-allyl Thymidine (T*)
;
unspecified 
PDB 1Y9S 
;Crystal structure of the A-DNA GCGTAT*CGC with a 2'-O-propargyl Thymidine (T*)
;
unspecified 
PDB 1WV5 
;X-RAY STRUCTURE OF THE A-DECAMER GCGTATACGC WITH A SINGLE 2'-O-BUTYL  THYMINE IN PLACE OF T6, MG-FORM
;
unspecified 
PDB 1WV6 
;X-RAY STRUCTURE OF THE A-DECAMER GCGTATACGC WITH A SINGLE 2'-O-BUTYL  THYMINE IN PLACE OF T6, SR-FORM
;
unspecified 
# 
_pdbx_database_status.status_code                     REL 
_pdbx_database_status.entry_id                        1Y8V 
_pdbx_database_status.recvd_initial_deposition_date   2004-12-13 
_pdbx_database_status.deposit_site                    RCSB 
_pdbx_database_status.process_site                    RCSB 
_pdbx_database_status.status_code_sf                  REL 
_pdbx_database_status.SG_entry                        . 
_pdbx_database_status.pdb_format_compatible           Y 
_pdbx_database_status.status_code_mr                  ? 
_pdbx_database_status.status_code_cs                  ? 
_pdbx_database_status.status_code_nmr_data            ? 
_pdbx_database_status.methods_development_category    ? 
# 
loop_
_audit_author.name 
_audit_author.pdbx_ordinal 
'Egli, M.'      1  
'Minasov, G.'   2  
'Tereshko, V.'  3  
'Pallan, P.S.'  4  
'Teplova, M.'   5  
'Inamati, G.B.' 6  
'Lesnik, E.A.'  7  
'Owens, S.R.'   8  
'Ross, B.S.'    9  
'Prakash, T.P.' 10 
'Manoharan, M.' 11 
# 
_citation.id                        primary 
_citation.title                     
;Probing the Influence of Stereoelectronic Effects on the Biophysical Properties of Oligonucleotides: Comprehensive Analysis of the RNA Affinity, Nuclease Resistance, and Crystal Structure of Ten 2'-O-Ribonucleic Acid Modifications.
;
_citation.journal_abbrev            Biochemistry 
_citation.journal_volume            44 
_citation.page_first                9045 
_citation.page_last                 9057 
_citation.year                      2005 
_citation.journal_id_ASTM           BICHAW 
_citation.country                   US 
_citation.journal_id_ISSN           0006-2960 
_citation.journal_id_CSD            0033 
_citation.book_publisher            ? 
_citation.pdbx_database_id_PubMed   15966728 
_citation.pdbx_database_id_DOI      10.1021/bi050574m 
# 
loop_
_citation_author.citation_id 
_citation_author.name 
_citation_author.ordinal 
_citation_author.identifier_ORCID 
primary 'Egli, M.'      1  ? 
primary 'Minasov, G.'   2  ? 
primary 'Tereshko, V.'  3  ? 
primary 'Pallan, P.S.'  4  ? 
primary 'Teplova, M.'   5  ? 
primary 'Inamati, G.B.' 6  ? 
primary 'Lesnik, E.A.'  7  ? 
primary 'Owens, S.R.'   8  ? 
primary 'Ross, B.S.'    9  ? 
primary 'Prakash, T.P.' 10 ? 
primary 'Manoharan, M.' 11 ? 
# 
_cell.entry_id           1Y8V 
_cell.length_a           24.831 
_cell.length_b           45.314 
_cell.length_c           45.682 
_cell.angle_alpha        90.00 
_cell.angle_beta         90.00 
_cell.angle_gamma        90.00 
_cell.Z_PDB              8 
_cell.pdbx_unique_axis   ? 
# 
_symmetry.entry_id                         1Y8V 
_symmetry.space_group_name_H-M             'P 21 21 21' 
_symmetry.pdbx_full_space_group_name_H-M   ? 
_symmetry.cell_setting                     ? 
_symmetry.Int_Tables_number                19 
_symmetry.space_group_name_Hall            ? 
# 
loop_
_entity.id 
_entity.type 
_entity.src_method 
_entity.pdbx_description 
_entity.formula_weight 
_entity.pdbx_number_of_molecules 
_entity.pdbx_ec 
_entity.pdbx_mutation 
_entity.pdbx_fragment 
_entity.details 
1 polymer syn "5'-D(*GP*CP*GP*TP*AP*(P2T)P*AP*CP*GP*C)-3'" 3103.085 2   ? ? ? ? 
2 water   nat water                                        18.015   119 ? ? ? ? 
# 
_entity_poly.entity_id                      1 
_entity_poly.type                           polydeoxyribonucleotide 
_entity_poly.nstd_linkage                   no 
_entity_poly.nstd_monomer                   yes 
_entity_poly.pdbx_seq_one_letter_code       '(DG)(DC)(DG)(DT)(DA)(P2T)(DA)(DC)(DG)(DC)' 
_entity_poly.pdbx_seq_one_letter_code_can   GCGTATACGC 
_entity_poly.pdbx_strand_id                 A,B 
_entity_poly.pdbx_target_identifier         ? 
# 
loop_
_entity_poly_seq.entity_id 
_entity_poly_seq.num 
_entity_poly_seq.mon_id 
_entity_poly_seq.hetero 
1 1  DG  n 
1 2  DC  n 
1 3  DG  n 
1 4  DT  n 
1 5  DA  n 
1 6  P2T n 
1 7  DA  n 
1 8  DC  n 
1 9  DG  n 
1 10 DC  n 
# 
_struct_ref.id                         1 
_struct_ref.entity_id                  1 
_struct_ref.db_name                    PDB 
_struct_ref.db_code                    1Y8V 
_struct_ref.pdbx_db_accession          1Y8V 
_struct_ref.pdbx_db_isoform            ? 
_struct_ref.pdbx_seq_one_letter_code   ? 
_struct_ref.pdbx_align_begin           ? 
# 
loop_
_struct_ref_seq.align_id 
_struct_ref_seq.ref_id 
_struct_ref_seq.pdbx_PDB_id_code 
_struct_ref_seq.pdbx_strand_id 
_struct_ref_seq.seq_align_beg 
_struct_ref_seq.pdbx_seq_align_beg_ins_code 
_struct_ref_seq.seq_align_end 
_struct_ref_seq.pdbx_seq_align_end_ins_code 
_struct_ref_seq.pdbx_db_accession 
_struct_ref_seq.db_align_beg 
_struct_ref_seq.pdbx_db_align_beg_ins_code 
_struct_ref_seq.db_align_end 
_struct_ref_seq.pdbx_db_align_end_ins_code 
_struct_ref_seq.pdbx_auth_seq_align_beg 
_struct_ref_seq.pdbx_auth_seq_align_end 
1 1 1Y8V A 1 ? 10 ? 1Y8V 1  ? 10 ? 1  10 
2 1 1Y8V B 1 ? 10 ? 1Y8V 11 ? 20 ? 11 20 
# 
loop_
_chem_comp.id 
_chem_comp.type 
_chem_comp.mon_nstd_flag 
_chem_comp.name 
_chem_comp.pdbx_synonyms 
_chem_comp.formula 
_chem_comp.formula_weight 
DA  'DNA linking' y "2'-DEOXYADENOSINE-5'-MONOPHOSPHATE"    ? 'C10 H14 N5 O6 P' 331.222 
DC  'DNA linking' y "2'-DEOXYCYTIDINE-5'-MONOPHOSPHATE"     ? 'C9 H14 N3 O7 P'  307.197 
DG  'DNA linking' y "2'-DEOXYGUANOSINE-5'-MONOPHOSPHATE"    ? 'C10 H14 N5 O7 P' 347.221 
DT  'DNA linking' y "THYMIDINE-5'-MONOPHOSPHATE"            ? 'C10 H15 N2 O8 P' 322.208 
HOH non-polymer   . WATER                                   ? 'H2 O'            18.015  
P2T 'RNA linking' n 
;2'-O-PROPYL THYMIDINE-5-MONOPHOSPHATE
;
? 'C13 H21 N2 O9 P' 380.288 
# 
_exptl.entry_id          1Y8V 
_exptl.method            'X-RAY DIFFRACTION' 
_exptl.crystals_number   1 
# 
_exptl_crystal.id                    1 
_exptl_crystal.density_meas          ? 
_exptl_crystal.density_Matthews      2.07 
_exptl_crystal.density_percent_sol   40.60 
_exptl_crystal.description           ? 
_exptl_crystal.F_000                 ? 
_exptl_crystal.preparation           ? 
# 
_exptl_crystal_grow.crystal_id      1 
_exptl_crystal_grow.method          'VAPOR DIFFUSION, HANGING DROP' 
_exptl_crystal_grow.temp            295 
_exptl_crystal_grow.temp_details    ? 
_exptl_crystal_grow.pH              6.0 
_exptl_crystal_grow.pdbx_details    
'10%MPD, 40mM Na-Cacodilate, 12 mM Spermine, 80mM KCL, pH 6.0, VAPOR DIFFUSION, HANGING DROP, temperature 295K' 
_exptl_crystal_grow.pdbx_pH_range   . 
# 
loop_
_exptl_crystal_grow_comp.crystal_id 
_exptl_crystal_grow_comp.id 
_exptl_crystal_grow_comp.sol_id 
_exptl_crystal_grow_comp.name 
_exptl_crystal_grow_comp.volume 
_exptl_crystal_grow_comp.conc 
_exptl_crystal_grow_comp.details 
1 1 1 MPD           ? ? ? 
1 2 1 Na-Cacodilate ? ? ? 
1 3 1 Spermine      ? ? ? 
1 4 1 KCL           ? ? ? 
1 5 1 H2O           ? ? ? 
1 6 2 MPD           ? ? ? 
1 7 2 Na-Cacodilate ? ? ? 
1 8 2 KCL           ? ? ? 
# 
_diffrn.id                     1 
_diffrn.ambient_temp           110 
_diffrn.ambient_temp_details   ? 
_diffrn.crystal_id             1 
# 
_diffrn_detector.diffrn_id              1 
_diffrn_detector.detector               'IMAGE PLATE' 
_diffrn_detector.type                   'RIGAKU RAXIS IIC' 
_diffrn_detector.pdbx_collection_date   1998-06-10 
_diffrn_detector.details                Mirrors 
# 
_diffrn_radiation.diffrn_id                        1 
_diffrn_radiation.wavelength_id                    1 
_diffrn_radiation.pdbx_monochromatic_or_laue_m_l   M 
_diffrn_radiation.monochromator                    No 
_diffrn_radiation.pdbx_diffrn_protocol             'SINGLE WAVELENGTH' 
_diffrn_radiation.pdbx_scattering_type             x-ray 
# 
_diffrn_radiation_wavelength.id           1 
_diffrn_radiation_wavelength.wavelength   1.5418 
_diffrn_radiation_wavelength.wt           1.0 
# 
_diffrn_source.diffrn_id                   1 
_diffrn_source.source                      'ROTATING ANODE' 
_diffrn_source.type                        'RIGAKU RU200' 
_diffrn_source.pdbx_synchrotron_site       ? 
_diffrn_source.pdbx_synchrotron_beamline   ? 
_diffrn_source.pdbx_wavelength             1.5418 
_diffrn_source.pdbx_wavelength_list        ? 
# 
_reflns.entry_id                     1Y8V 
_reflns.observed_criterion_sigma_F   ? 
_reflns.observed_criterion_sigma_I   -3.0 
_reflns.d_resolution_high            1.50 
_reflns.d_resolution_low             50.0 
_reflns.number_all                   8698 
_reflns.number_obs                   8698 
_reflns.percent_possible_obs         99.4 
_reflns.pdbx_Rmerge_I_obs            0.053 
_reflns.pdbx_Rsym_value              ? 
_reflns.pdbx_netI_over_sigmaI        40.0 
_reflns.B_iso_Wilson_estimate        ? 
_reflns.pdbx_redundancy              8.3 
_reflns.R_free_details               ? 
_reflns.pdbx_chi_squared             ? 
_reflns.pdbx_scaling_rejects         ? 
_reflns.pdbx_diffrn_id               1 
_reflns.pdbx_ordinal                 1 
# 
_reflns_shell.d_res_high             1.50 
_reflns_shell.d_res_low              1.55 
_reflns_shell.percent_possible_all   97.4 
_reflns_shell.Rmerge_I_obs           0.407 
_reflns_shell.pdbx_Rsym_value        ? 
_reflns_shell.meanI_over_sigI_obs    3.4 
_reflns_shell.pdbx_redundancy        4.0 
_reflns_shell.percent_possible_obs   ? 
_reflns_shell.number_unique_all      820 
_reflns_shell.number_measured_all    ? 
_reflns_shell.number_measured_obs    ? 
_reflns_shell.number_unique_obs      ? 
_reflns_shell.pdbx_chi_squared       ? 
_reflns_shell.pdbx_diffrn_id         ? 
_reflns_shell.pdbx_ordinal           1 
# 
_refine.entry_id                                 1Y8V 
_refine.ls_d_res_high                            1.50 
_refine.ls_d_res_low                             20.0 
_refine.pdbx_ls_sigma_F                          0.0 
_refine.pdbx_ls_sigma_I                          ? 
_refine.ls_number_reflns_all                     8451 
_refine.ls_number_reflns_obs                     8451 
_refine.ls_number_reflns_R_free                  895 
_refine.ls_percent_reflns_obs                    97.1 
_refine.ls_R_factor_all                          ? 
_refine.ls_R_factor_obs                          ? 
_refine.ls_R_factor_R_work                       0.1794 
_refine.ls_R_factor_R_free                       0.2164 
_refine.ls_redundancy_reflns_obs                 ? 
_refine.pdbx_data_cutoff_high_absF               ? 
_refine.pdbx_data_cutoff_low_absF                ? 
_refine.ls_number_parameters                     ? 
_refine.ls_number_restraints                     ? 
_refine.ls_percent_reflns_R_free                 ? 
_refine.ls_R_factor_R_free_error                 ? 
_refine.ls_R_factor_R_free_error_details         ? 
_refine.pdbx_method_to_determine_struct          'MOLECULAR REPLACEMENT' 
_refine.pdbx_starting_model                      410D 
_refine.pdbx_ls_cross_valid_method               THROUGHOUT 
_refine.pdbx_R_Free_selection_details            Random 
_refine.pdbx_stereochem_target_val_spec_case     ? 
_refine.pdbx_stereochemistry_target_values       ? 
_refine.solvent_model_details                    ? 
_refine.solvent_model_param_bsol                 ? 
_refine.solvent_model_param_ksol                 ? 
_refine.occupancy_max                            ? 
_refine.occupancy_min                            ? 
_refine.pdbx_isotropic_thermal_model             Isotropic 
_refine.B_iso_mean                               21.4 
_refine.aniso_B[1][1]                            0.962 
_refine.aniso_B[1][2]                            0.000 
_refine.aniso_B[1][3]                            0.000 
_refine.aniso_B[2][2]                            -2.985 
_refine.aniso_B[2][3]                            0.000 
_refine.aniso_B[3][3]                            2.023 
_refine.details                                  'Conjugate gradient refinement using maximum likelihood target for amplitudes' 
_refine.correlation_coeff_Fo_to_Fc               ? 
_refine.correlation_coeff_Fo_to_Fc_free          ? 
_refine.pdbx_solvent_vdw_probe_radii             ? 
_refine.pdbx_solvent_ion_probe_radii             ? 
_refine.pdbx_solvent_shrinkage_radii             ? 
_refine.overall_SU_R_Cruickshank_DPI             ? 
_refine.overall_SU_R_free                        ? 
_refine.overall_SU_B                             ? 
_refine.overall_SU_ML                            ? 
_refine.pdbx_overall_ESU_R                       ? 
_refine.pdbx_overall_ESU_R_Free                  ? 
_refine.pdbx_data_cutoff_high_rms_absF           ? 
_refine.ls_wR_factor_R_free                      ? 
_refine.ls_wR_factor_R_work                      ? 
_refine.overall_FOM_free_R_set                   ? 
_refine.overall_FOM_work_R_set                   ? 
_refine.pdbx_refine_id                           'X-RAY DIFFRACTION' 
_refine.pdbx_diffrn_id                           1 
_refine.pdbx_TLS_residual_ADP_flag               ? 
_refine.pdbx_overall_phase_error                 ? 
_refine.pdbx_overall_SU_R_free_Cruickshank_DPI   ? 
_refine.pdbx_overall_SU_R_Blow_DPI               ? 
_refine.pdbx_overall_SU_R_free_Blow_DPI          ? 
# 
_refine_hist.pdbx_refine_id                   'X-RAY DIFFRACTION' 
_refine_hist.cycle_id                         LAST 
_refine_hist.pdbx_number_atoms_protein        0 
_refine_hist.pdbx_number_atoms_nucleic_acid   412 
_refine_hist.pdbx_number_atoms_ligand         0 
_refine_hist.number_atoms_solvent             128 
_refine_hist.number_atoms_total               540 
_refine_hist.d_res_high                       1.50 
_refine_hist.d_res_low                        20.0 
# 
loop_
_refine_ls_restr.type 
_refine_ls_restr.dev_ideal 
_refine_ls_restr.dev_ideal_target 
_refine_ls_restr.weight 
_refine_ls_restr.number 
_refine_ls_restr.pdbx_refine_id 
_refine_ls_restr.pdbx_restraint_function 
c_bond_d    0.009 ? ? ? 'X-RAY DIFFRACTION' ? 
c_angle_deg 1.30  ? ? ? 'X-RAY DIFFRACTION' ? 
# 
_refine_ls_shell.pdbx_total_number_of_bins_used   ? 
_refine_ls_shell.d_res_high                       1.50 
_refine_ls_shell.d_res_low                        1.53 
_refine_ls_shell.number_reflns_R_work             ? 
_refine_ls_shell.R_factor_R_work                  0.3009 
_refine_ls_shell.percent_reflns_obs               93.2 
_refine_ls_shell.R_factor_R_free                  0.2957 
_refine_ls_shell.R_factor_R_free_error            ? 
_refine_ls_shell.percent_reflns_R_free            ? 
_refine_ls_shell.number_reflns_R_free             52 
_refine_ls_shell.redundancy_reflns_obs            ? 
_refine_ls_shell.pdbx_refine_id                   'X-RAY DIFFRACTION' 
_refine_ls_shell.number_reflns_all                ? 
_refine_ls_shell.R_factor_all                     ? 
# 
_struct.entry_id                  1Y8V 
_struct.title                     
;Crystal structure of the A-DNA GCGTAT*CGC with a 2'-O-propyl Thymidine (T*)
;
_struct.pdbx_model_details        ? 
_struct.pdbx_CASP_flag            ? 
_struct.pdbx_model_type_details   ? 
# 
_struct_keywords.entry_id        1Y8V 
_struct_keywords.pdbx_keywords   DNA 
_struct_keywords.text            
;A-DNA, O2'-modification, decamer, DNA
;
# 
loop_
_struct_asym.id 
_struct_asym.pdbx_blank_PDB_chainid_flag 
_struct_asym.pdbx_modified 
_struct_asym.entity_id 
_struct_asym.details 
A N N 1 ? 
B N N 1 ? 
C N N 2 ? 
D N N 2 ? 
# 
_struct_biol.id                    1 
_struct_biol.details               'Chains A and B form duplex' 
_struct_biol.pdbx_parent_biol_id   ? 
# 
loop_
_struct_conn.id 
_struct_conn.conn_type_id 
_struct_conn.pdbx_leaving_atom_flag 
_struct_conn.pdbx_PDB_id 
_struct_conn.ptnr1_label_asym_id 
_struct_conn.ptnr1_label_comp_id 
_struct_conn.ptnr1_label_seq_id 
_struct_conn.ptnr1_label_atom_id 
_struct_conn.pdbx_ptnr1_label_alt_id 
_struct_conn.pdbx_ptnr1_PDB_ins_code 
_struct_conn.pdbx_ptnr1_standard_comp_id 
_struct_conn.ptnr1_symmetry 
_struct_conn.ptnr2_label_asym_id 
_struct_conn.ptnr2_label_comp_id 
_struct_conn.ptnr2_label_seq_id 
_struct_conn.ptnr2_label_atom_id 
_struct_conn.pdbx_ptnr2_label_alt_id 
_struct_conn.pdbx_ptnr2_PDB_ins_code 
_struct_conn.ptnr1_auth_asym_id 
_struct_conn.ptnr1_auth_comp_id 
_struct_conn.ptnr1_auth_seq_id 
_struct_conn.ptnr2_auth_asym_id 
_struct_conn.ptnr2_auth_comp_id 
_struct_conn.ptnr2_auth_seq_id 
_struct_conn.ptnr2_symmetry 
_struct_conn.pdbx_ptnr3_label_atom_id 
_struct_conn.pdbx_ptnr3_label_seq_id 
_struct_conn.pdbx_ptnr3_label_comp_id 
_struct_conn.pdbx_ptnr3_label_asym_id 
_struct_conn.pdbx_ptnr3_label_alt_id 
_struct_conn.pdbx_ptnr3_PDB_ins_code 
_struct_conn.details 
_struct_conn.pdbx_dist_value 
_struct_conn.pdbx_value_order 
_struct_conn.pdbx_role 
covale1  covale both ? A DA  5  "O3'" ? ? ? 1_555 A P2T 6  P  ? ? A DA  5  A P2T 6  1_555 ? ? ? ? ? ? ?            1.610 ? ? 
covale2  covale both ? A P2T 6  "O3'" ? ? ? 1_555 A DA  7  P  ? ? A P2T 6  A DA  7  1_555 ? ? ? ? ? ? ?            1.609 ? ? 
covale3  covale both ? B DA  5  "O3'" ? ? ? 1_555 B P2T 6  P  ? ? B DA  15 B P2T 16 1_555 ? ? ? ? ? ? ?            1.596 ? ? 
covale4  covale both ? B P2T 6  "O3'" ? ? ? 1_555 B DA  7  P  ? ? B P2T 16 B DA  17 1_555 ? ? ? ? ? ? ?            1.609 ? ? 
hydrog1  hydrog ?    ? A DG  1  N1    ? ? ? 1_555 B DC  10 N3 ? ? A DG  1  B DC  20 1_555 ? ? ? ? ? ? WATSON-CRICK ?     ? ? 
hydrog2  hydrog ?    ? A DG  1  N2    ? ? ? 1_555 B DC  10 O2 ? ? A DG  1  B DC  20 1_555 ? ? ? ? ? ? WATSON-CRICK ?     ? ? 
hydrog3  hydrog ?    ? A DG  1  O6    ? ? ? 1_555 B DC  10 N4 ? ? A DG  1  B DC  20 1_555 ? ? ? ? ? ? WATSON-CRICK ?     ? ? 
hydrog4  hydrog ?    ? A DC  2  N3    ? ? ? 1_555 B DG  9  N1 ? ? A DC  2  B DG  19 1_555 ? ? ? ? ? ? WATSON-CRICK ?     ? ? 
hydrog5  hydrog ?    ? A DC  2  N4    ? ? ? 1_555 B DG  9  O6 ? ? A DC  2  B DG  19 1_555 ? ? ? ? ? ? WATSON-CRICK ?     ? ? 
hydrog6  hydrog ?    ? A DC  2  O2    ? ? ? 1_555 B DG  9  N2 ? ? A DC  2  B DG  19 1_555 ? ? ? ? ? ? WATSON-CRICK ?     ? ? 
hydrog7  hydrog ?    ? A DG  3  N1    ? ? ? 1_555 B DC  8  N3 ? ? A DG  3  B DC  18 1_555 ? ? ? ? ? ? WATSON-CRICK ?     ? ? 
hydrog8  hydrog ?    ? A DG  3  N2    ? ? ? 1_555 B DC  8  O2 ? ? A DG  3  B DC  18 1_555 ? ? ? ? ? ? WATSON-CRICK ?     ? ? 
hydrog9  hydrog ?    ? A DG  3  O6    ? ? ? 1_555 B DC  8  N4 ? ? A DG  3  B DC  18 1_555 ? ? ? ? ? ? WATSON-CRICK ?     ? ? 
hydrog10 hydrog ?    ? A DT  4  N3    ? ? ? 1_555 B DA  7  N1 ? ? A DT  4  B DA  17 1_555 ? ? ? ? ? ? WATSON-CRICK ?     ? ? 
hydrog11 hydrog ?    ? A DT  4  O4    ? ? ? 1_555 B DA  7  N6 ? ? A DT  4  B DA  17 1_555 ? ? ? ? ? ? WATSON-CRICK ?     ? ? 
hydrog12 hydrog ?    ? A DA  5  N1    ? ? ? 1_555 B P2T 6  N3 ? ? A DA  5  B P2T 16 1_555 ? ? ? ? ? ? WATSON-CRICK ?     ? ? 
hydrog13 hydrog ?    ? A DA  5  N6    ? ? ? 1_555 B P2T 6  O4 ? ? A DA  5  B P2T 16 1_555 ? ? ? ? ? ? WATSON-CRICK ?     ? ? 
hydrog14 hydrog ?    ? A P2T 6  N3    ? ? ? 1_555 B DA  5  N1 ? ? A P2T 6  B DA  15 1_555 ? ? ? ? ? ? WATSON-CRICK ?     ? ? 
hydrog15 hydrog ?    ? A P2T 6  O4    ? ? ? 1_555 B DA  5  N6 ? ? A P2T 6  B DA  15 1_555 ? ? ? ? ? ? WATSON-CRICK ?     ? ? 
hydrog16 hydrog ?    ? A DA  7  N1    ? ? ? 1_555 B DT  4  N3 ? ? A DA  7  B DT  14 1_555 ? ? ? ? ? ? WATSON-CRICK ?     ? ? 
hydrog17 hydrog ?    ? A DA  7  N6    ? ? ? 1_555 B DT  4  O4 ? ? A DA  7  B DT  14 1_555 ? ? ? ? ? ? WATSON-CRICK ?     ? ? 
hydrog18 hydrog ?    ? A DC  8  N3    ? ? ? 1_555 B DG  3  N1 ? ? A DC  8  B DG  13 1_555 ? ? ? ? ? ? WATSON-CRICK ?     ? ? 
hydrog19 hydrog ?    ? A DC  8  N4    ? ? ? 1_555 B DG  3  O6 ? ? A DC  8  B DG  13 1_555 ? ? ? ? ? ? WATSON-CRICK ?     ? ? 
hydrog20 hydrog ?    ? A DC  8  O2    ? ? ? 1_555 B DG  3  N2 ? ? A DC  8  B DG  13 1_555 ? ? ? ? ? ? WATSON-CRICK ?     ? ? 
hydrog21 hydrog ?    ? A DG  9  N1    ? ? ? 1_555 B DC  2  N3 ? ? A DG  9  B DC  12 1_555 ? ? ? ? ? ? WATSON-CRICK ?     ? ? 
hydrog22 hydrog ?    ? A DG  9  N2    ? ? ? 1_555 B DC  2  O2 ? ? A DG  9  B DC  12 1_555 ? ? ? ? ? ? WATSON-CRICK ?     ? ? 
hydrog23 hydrog ?    ? A DG  9  O6    ? ? ? 1_555 B DC  2  N4 ? ? A DG  9  B DC  12 1_555 ? ? ? ? ? ? WATSON-CRICK ?     ? ? 
hydrog24 hydrog ?    ? A DC  10 N3    ? ? ? 1_555 B DG  1  N1 ? ? A DC  10 B DG  11 1_555 ? ? ? ? ? ? WATSON-CRICK ?     ? ? 
hydrog25 hydrog ?    ? A DC  10 N4    ? ? ? 1_555 B DG  1  O6 ? ? A DC  10 B DG  11 1_555 ? ? ? ? ? ? WATSON-CRICK ?     ? ? 
hydrog26 hydrog ?    ? A DC  10 O2    ? ? ? 1_555 B DG  1  N2 ? ? A DC  10 B DG  11 1_555 ? ? ? ? ? ? WATSON-CRICK ?     ? ? 
# 
loop_
_struct_conn_type.id 
_struct_conn_type.criteria 
_struct_conn_type.reference 
covale ? ? 
hydrog ? ? 
# 
_atom_sites.entry_id                    1Y8V 
_atom_sites.fract_transf_matrix[1][1]   -0.03108154 
_atom_sites.fract_transf_matrix[1][2]   -0.01053933 
_atom_sites.fract_transf_matrix[1][3]   0.02333868 
_atom_sites.fract_transf_matrix[2][1]   0.00968409 
_atom_sites.fract_transf_matrix[2][2]   0.00971776 
_atom_sites.fract_transf_matrix[2][3]   0.01728526 
_atom_sites.fract_transf_matrix[3][1]   -0.01007340 
_atom_sites.fract_transf_matrix[3][2]   0.01879991 
_atom_sites.fract_transf_matrix[3][3]   -0.00492566 
_atom_sites.fract_transf_vector[1]      0.119754 
_atom_sites.fract_transf_vector[2]      0.040506 
_atom_sites.fract_transf_vector[3]      0.256803 
# 
loop_
_atom_type.symbol 
C 
N 
O 
P 
# 
loop_
_atom_site.group_PDB 
_atom_site.id 
_atom_site.type_symbol 
_atom_site.label_atom_id 
_atom_site.label_alt_id 
_atom_site.label_comp_id 
_atom_site.label_asym_id 
_atom_site.label_entity_id 
_atom_site.label_seq_id 
_atom_site.pdbx_PDB_ins_code 
_atom_site.Cartn_x 
_atom_site.Cartn_y 
_atom_site.Cartn_z 
_atom_site.occupancy 
_atom_site.B_iso_or_equiv 
_atom_site.pdbx_formal_charge 
_atom_site.auth_seq_id 
_atom_site.auth_comp_id 
_atom_site.auth_asym_id 
_atom_site.auth_atom_id 
_atom_site.pdbx_PDB_model_num 
ATOM   1   O "O5'" . DG  A 1 1  ? -0.170  2.565   -12.009 1.00 28.75 ? 1   DG  A "O5'" 1 
ATOM   2   C "C5'" . DG  A 1 1  ? -1.334  2.756   -12.816 1.00 24.72 ? 1   DG  A "C5'" 1 
ATOM   3   C "C4'" . DG  A 1 1  ? -1.831  1.436   -13.361 1.00 22.44 ? 1   DG  A "C4'" 1 
ATOM   4   O "O4'" . DG  A 1 1  ? -0.760  0.796   -14.092 1.00 22.80 ? 1   DG  A "O4'" 1 
ATOM   5   C "C3'" . DG  A 1 1  ? -2.273  0.409   -12.316 1.00 20.50 ? 1   DG  A "C3'" 1 
ATOM   6   O "O3'" . DG  A 1 1  ? -3.658  0.580   -11.979 1.00 22.02 ? 1   DG  A "O3'" 1 
ATOM   7   C "C2'" . DG  A 1 1  ? -2.038  -0.908  -13.040 1.00 18.29 ? 1   DG  A "C2'" 1 
ATOM   8   C "C1'" . DG  A 1 1  ? -0.782  -0.618  -13.869 1.00 19.23 ? 1   DG  A "C1'" 1 
ATOM   9   N N9    . DG  A 1 1  ? 0.449   -0.989  -13.169 1.00 18.88 ? 1   DG  A N9    1 
ATOM   10  C C8    . DG  A 1 1  ? 1.452   -0.156  -12.721 1.00 22.49 ? 1   DG  A C8    1 
ATOM   11  N N7    . DG  A 1 1  ? 2.428   -0.800  -12.124 1.00 23.74 ? 1   DG  A N7    1 
ATOM   12  C C5    . DG  A 1 1  ? 2.042   -2.137  -12.184 1.00 18.93 ? 1   DG  A C5    1 
ATOM   13  C C6    . DG  A 1 1  ? 2.705   -3.318  -11.712 1.00 18.11 ? 1   DG  A C6    1 
ATOM   14  O O6    . DG  A 1 1  ? 3.801   -3.404  -11.132 1.00 17.54 ? 1   DG  A O6    1 
ATOM   15  N N1    . DG  A 1 1  ? 1.959   -4.476  -11.987 1.00 13.95 ? 1   DG  A N1    1 
ATOM   16  C C2    . DG  A 1 1  ? 0.755   -4.494  -12.648 1.00 14.67 ? 1   DG  A C2    1 
ATOM   17  N N2    . DG  A 1 1  ? 0.196   -5.712  -12.881 1.00 16.79 ? 1   DG  A N2    1 
ATOM   18  N N3    . DG  A 1 1  ? 0.127   -3.390  -13.080 1.00 16.76 ? 1   DG  A N3    1 
ATOM   19  C C4    . DG  A 1 1  ? 0.824   -2.268  -12.817 1.00 18.90 ? 1   DG  A C4    1 
ATOM   20  P P     . DC  A 1 2  ? -4.179  0.284   -10.481 1.00 23.50 ? 2   DC  A P     1 
ATOM   21  O OP1   . DC  A 1 2  ? -5.588  0.773   -10.396 1.00 25.32 ? 2   DC  A OP1   1 
ATOM   22  O OP2   . DC  A 1 2  ? -3.165  0.833   -9.534  1.00 19.83 ? 2   DC  A OP2   1 
ATOM   23  O "O5'" . DC  A 1 2  ? -4.209  -1.300  -10.405 1.00 20.03 ? 2   DC  A "O5'" 1 
ATOM   24  C "C5'" . DC  A 1 2  ? -5.038  -2.047  -11.298 1.00 20.86 ? 2   DC  A "C5'" 1 
ATOM   25  C "C4'" . DC  A 1 2  ? -4.709  -3.514  -11.187 1.00 20.43 ? 2   DC  A "C4'" 1 
ATOM   26  O "O4'" . DC  A 1 2  ? -3.323  -3.688  -11.549 1.00 20.78 ? 2   DC  A "O4'" 1 
ATOM   27  C "C3'" . DC  A 1 2  ? -4.815  -4.053  -9.770  1.00 19.59 ? 2   DC  A "C3'" 1 
ATOM   28  O "O3'" . DC  A 1 2  ? -6.143  -4.499  -9.507  1.00 21.45 ? 2   DC  A "O3'" 1 
ATOM   29  C "C2'" . DC  A 1 2  ? -3.810  -5.192  -9.767  1.00 19.28 ? 2   DC  A "C2'" 1 
ATOM   30  C "C1'" . DC  A 1 2  ? -2.725  -4.679  -10.718 1.00 17.34 ? 2   DC  A "C1'" 1 
ATOM   31  N N1    . DC  A 1 2  ? -1.564  -4.075  -10.048 1.00 15.62 ? 2   DC  A N1    1 
ATOM   32  C C2    . DC  A 1 2  ? -0.573  -4.927  -9.563  1.00 17.52 ? 2   DC  A C2    1 
ATOM   33  O O2    . DC  A 1 2  ? -0.738  -6.131  -9.667  1.00 15.57 ? 2   DC  A O2    1 
ATOM   34  N N3    . DC  A 1 2  ? 0.528   -4.419  -8.998  1.00 15.49 ? 2   DC  A N3    1 
ATOM   35  C C4    . DC  A 1 2  ? 0.680   -3.104  -8.894  1.00 19.36 ? 2   DC  A C4    1 
ATOM   36  N N4    . DC  A 1 2  ? 1.832   -2.662  -8.356  1.00 16.13 ? 2   DC  A N4    1 
ATOM   37  C C5    . DC  A 1 2  ? -0.328  -2.191  -9.347  1.00 16.02 ? 2   DC  A C5    1 
ATOM   38  C C6    . DC  A 1 2  ? -1.432  -2.722  -9.914  1.00 19.82 ? 2   DC  A C6    1 
ATOM   39  P P     . DG  A 1 3  ? -6.616  -4.770  -7.992  1.00 20.96 ? 3   DG  A P     1 
ATOM   40  O OP1   . DG  A 1 3  ? -8.031  -5.245  -8.183  1.00 22.36 ? 3   DG  A OP1   1 
ATOM   41  O OP2   . DG  A 1 3  ? -6.346  -3.643  -7.029  1.00 22.01 ? 3   DG  A OP2   1 
ATOM   42  O "O5'" . DG  A 1 3  ? -5.730  -6.023  -7.574  1.00 19.15 ? 3   DG  A "O5'" 1 
ATOM   43  C "C5'" . DG  A 1 3  ? -5.201  -6.136  -6.249  1.00 15.52 ? 3   DG  A "C5'" 1 
ATOM   44  C "C4'" . DG  A 1 3  ? -4.196  -7.261  -6.190  1.00 17.14 ? 3   DG  A "C4'" 1 
ATOM   45  O "O4'" . DG  A 1 3  ? -2.971  -6.873  -6.862  1.00 14.44 ? 3   DG  A "O4'" 1 
ATOM   46  C "C3'" . DG  A 1 3  ? -3.774  -7.604  -4.766  1.00 16.01 ? 3   DG  A "C3'" 1 
ATOM   47  O "O3'" . DG  A 1 3  ? -4.683  -8.532  -4.161  1.00 15.39 ? 3   DG  A "O3'" 1 
ATOM   48  C "C2'" . DG  A 1 3  ? -2.399  -8.202  -4.965  1.00 17.21 ? 3   DG  A "C2'" 1 
ATOM   49  C "C1'" . DG  A 1 3  ? -1.859  -7.394  -6.142  1.00 13.85 ? 3   DG  A "C1'" 1 
ATOM   50  N N9    . DG  A 1 3  ? -0.998  -6.273  -5.770  1.00 15.39 ? 3   DG  A N9    1 
ATOM   51  C C8    . DG  A 1 3  ? -1.206  -4.936  -6.002  1.00 12.86 ? 3   DG  A C8    1 
ATOM   52  N N7    . DG  A 1 3  ? -0.187  -4.187  -5.635  1.00 15.30 ? 3   DG  A N7    1 
ATOM   53  C C5    . DG  A 1 3  ? 0.729   -5.086  -5.116  1.00 14.50 ? 3   DG  A C5    1 
ATOM   54  C C6    . DG  A 1 3  ? 2.043   -4.882  -4.585  1.00 13.39 ? 3   DG  A C6    1 
ATOM   55  O O6    . DG  A 1 3  ? 2.691   -3.816  -4.474  1.00 17.67 ? 3   DG  A O6    1 
ATOM   56  N N1    . DG  A 1 3  ? 2.613   -6.080  -4.161  1.00 13.66 ? 3   DG  A N1    1 
ATOM   57  C C2    . DG  A 1 3  ? 1.999   -7.314  -4.225  1.00 12.89 ? 3   DG  A C2    1 
ATOM   58  N N2    . DG  A 1 3  ? 2.674   -8.347  -3.721  1.00 14.29 ? 3   DG  A N2    1 
ATOM   59  N N3    . DG  A 1 3  ? 0.797   -7.508  -4.738  1.00 15.31 ? 3   DG  A N3    1 
ATOM   60  C C4    . DG  A 1 3  ? 0.231   -6.372  -5.159  1.00 15.39 ? 3   DG  A C4    1 
ATOM   61  P P     . DT  A 1 4  ? -4.798  -8.624  -2.555  1.00 16.26 ? 4   DT  A P     1 
ATOM   62  O OP1   . DT  A 1 4  ? -5.922  -9.611  -2.281  1.00 19.61 ? 4   DT  A OP1   1 
ATOM   63  O OP2   . DT  A 1 4  ? -4.886  -7.256  -2.022  1.00 15.95 ? 4   DT  A OP2   1 
ATOM   64  O "O5'" . DT  A 1 4  ? -3.398  -9.254  -2.100  1.00 16.24 ? 4   DT  A "O5'" 1 
ATOM   65  C "C5'" . DT  A 1 4  ? -3.125  -10.668 -2.134  1.00 16.02 ? 4   DT  A "C5'" 1 
ATOM   66  C "C4'" . DT  A 1 4  ? -1.908  -10.976 -1.287  1.00 17.60 ? 4   DT  A "C4'" 1 
ATOM   67  O "O4'" . DT  A 1 4  ? -0.713  -10.385 -1.849  1.00 14.56 ? 4   DT  A "O4'" 1 
ATOM   68  C "C3'" . DT  A 1 4  ? -1.996  -10.380 0.108   1.00 14.27 ? 4   DT  A "C3'" 1 
ATOM   69  O "O3'" . DT  A 1 4  ? -2.753  -11.259 0.943   1.00 17.90 ? 4   DT  A "O3'" 1 
ATOM   70  C "C2'" . DT  A 1 4  ? -0.535  -10.257 0.521   1.00 13.20 ? 4   DT  A "C2'" 1 
ATOM   71  C "C1'" . DT  A 1 4  ? 0.160   -9.929  -0.802  1.00 15.54 ? 4   DT  A "C1'" 1 
ATOM   72  N N1    . DT  A 1 4  ? 0.372   -8.480  -0.975  1.00 13.53 ? 4   DT  A N1    1 
ATOM   73  C C2    . DT  A 1 4  ? 1.585   -7.949  -0.576  1.00 17.64 ? 4   DT  A C2    1 
ATOM   74  O O2    . DT  A 1 4  ? 2.462   -8.607  -0.037  1.00 15.59 ? 4   DT  A O2    1 
ATOM   75  N N3    . DT  A 1 4  ? 1.720   -6.601  -0.811  1.00 11.99 ? 4   DT  A N3    1 
ATOM   76  C C4    . DT  A 1 4  ? 0.784   -5.741  -1.347  1.00 13.27 ? 4   DT  A C4    1 
ATOM   77  O O4    . DT  A 1 4  ? 1.052   -4.568  -1.518  1.00 13.67 ? 4   DT  A O4    1 
ATOM   78  C C5    . DT  A 1 4  ? -0.476  -6.342  -1.681  1.00 12.72 ? 4   DT  A C5    1 
ATOM   79  C C7    . DT  A 1 4  ? -1.568  -5.460  -2.181  1.00 14.07 ? 4   DT  A C7    1 
ATOM   80  C C6    . DT  A 1 4  ? -0.613  -7.670  -1.505  1.00 14.86 ? 4   DT  A C6    1 
ATOM   81  P P     . DA  A 1 5  ? -3.547  -10.664 2.176   1.00 19.88 ? 5   DA  A P     1 
ATOM   82  O OP1   . DA  A 1 5  ? -4.135  -11.828 2.914   1.00 23.47 ? 5   DA  A OP1   1 
ATOM   83  O OP2   . DA  A 1 5  ? -4.426  -9.554  1.743   1.00 21.11 ? 5   DA  A OP2   1 
ATOM   84  O "O5'" . DA  A 1 5  ? -2.366  -10.092 3.072   1.00 18.25 ? 5   DA  A "O5'" 1 
ATOM   85  C "C5'" . DA  A 1 5  ? -2.481  -8.884  3.796   1.00 16.12 ? 5   DA  A "C5'" 1 
ATOM   86  C "C4'" . DA  A 1 5  ? -1.142  -8.571  4.419   1.00 16.08 ? 5   DA  A "C4'" 1 
ATOM   87  O "O4'" . DA  A 1 5  ? -0.214  -8.295  3.358   1.00 15.98 ? 5   DA  A "O4'" 1 
ATOM   88  C "C3'" . DA  A 1 5  ? -1.082  -7.340  5.307   1.00 16.09 ? 5   DA  A "C3'" 1 
ATOM   89  O "O3'" . DA  A 1 5  ? -1.502  -7.640  6.637   1.00 17.86 ? 5   DA  A "O3'" 1 
ATOM   90  C "C2'" . DA  A 1 5  ? 0.385   -6.971  5.246   1.00 17.00 ? 5   DA  A "C2'" 1 
ATOM   91  C "C1'" . DA  A 1 5  ? 0.748   -7.323  3.809   1.00 15.54 ? 5   DA  A "C1'" 1 
ATOM   92  N N9    . DA  A 1 5  ? 0.641   -6.154  2.940   1.00 14.67 ? 5   DA  A N9    1 
ATOM   93  C C8    . DA  A 1 5  ? -0.368  -5.812  2.069   1.00 15.27 ? 5   DA  A C8    1 
ATOM   94  N N7    . DA  A 1 5  ? -0.167  -4.682  1.442   1.00 14.22 ? 5   DA  A N7    1 
ATOM   95  C C5    . DA  A 1 5  ? 1.055   -4.247  1.933   1.00 12.05 ? 5   DA  A C5    1 
ATOM   96  C C6    . DA  A 1 5  ? 1.822   -3.096  1.666   1.00 13.57 ? 5   DA  A C6    1 
ATOM   97  N N6    . DA  A 1 5  ? 1.423   -2.123  0.839   1.00 13.51 ? 5   DA  A N6    1 
ATOM   98  N N1    . DA  A 1 5  ? 3.010   -2.985  2.304   1.00 13.13 ? 5   DA  A N1    1 
ATOM   99  C C2    . DA  A 1 5  ? 3.381   -3.938  3.165   1.00 15.11 ? 5   DA  A C2    1 
ATOM   100 N N3    . DA  A 1 5  ? 2.732   -5.060  3.520   1.00 15.11 ? 5   DA  A N3    1 
ATOM   101 C C4    . DA  A 1 5  ? 1.567   -5.146  2.849   1.00 14.09 ? 5   DA  A C4    1 
HETATM 102 P P     . P2T A 1 6  ? -2.251  -6.514  7.512   1.00 18.56 ? 6   P2T A P     1 
HETATM 103 O OP1   . P2T A 1 6  ? -2.634  -7.228  8.786   1.00 21.46 ? 6   P2T A OP1   1 
HETATM 104 O OP2   . P2T A 1 6  ? -3.280  -5.811  6.742   1.00 18.22 ? 6   P2T A OP2   1 
HETATM 105 O "O5'" . P2T A 1 6  ? -1.084  -5.521  7.880   1.00 16.83 ? 6   P2T A "O5'" 1 
HETATM 106 C "C5'" . P2T A 1 6  ? 0.011   -5.982  8.649   1.00 15.91 ? 6   P2T A "C5'" 1 
HETATM 107 C "C4'" . P2T A 1 6  ? 1.074   -4.937  8.709   1.00 18.78 ? 6   P2T A "C4'" 1 
HETATM 108 O "O4'" . P2T A 1 6  ? 1.666   -4.754  7.397   1.00 17.16 ? 6   P2T A "O4'" 1 
HETATM 109 C "C1'" . P2T A 1 6  ? 2.078   -3.399  7.248   1.00 16.00 ? 6   P2T A "C1'" 1 
HETATM 110 N N1    . P2T A 1 6  ? 1.318   -2.795  6.141   1.00 13.65 ? 6   P2T A N1    1 
HETATM 111 C C6    . P2T A 1 6  ? 0.089   -3.292  5.754   1.00 15.31 ? 6   P2T A C6    1 
HETATM 112 C C2    . P2T A 1 6  ? 1.875   -1.695  5.506   1.00 14.34 ? 6   P2T A C2    1 
HETATM 113 O O2    . P2T A 1 6  ? 2.934   -1.202  5.852   1.00 16.41 ? 6   P2T A O2    1 
HETATM 114 N N3    . P2T A 1 6  ? 1.122   -1.184  4.464   1.00 14.33 ? 6   P2T A N3    1 
HETATM 115 C C4    . P2T A 1 6  ? -0.098  -1.636  4.028   1.00 15.12 ? 6   P2T A C4    1 
HETATM 116 O O4    . P2T A 1 6  ? -0.657  -1.084  3.102   1.00 16.23 ? 6   P2T A O4    1 
HETATM 117 C C5    . P2T A 1 6  ? -0.636  -2.779  4.746   1.00 13.52 ? 6   P2T A C5    1 
HETATM 118 C C5M   . P2T A 1 6  ? -1.956  -3.334  4.326   1.00 15.31 ? 6   P2T A C5M   1 
HETATM 119 C "C2'" . P2T A 1 6  ? 1.763   -2.697  8.571   1.00 16.29 ? 6   P2T A "C2'" 1 
HETATM 120 O "O2'" . P2T A 1 6  ? 2.884   -2.933  9.415   1.00 16.73 ? 6   P2T A "O2'" 1 
HETATM 121 C "CB'" . P2T A 1 6  ? 4.009   -2.111  9.140   1.00 15.99 ? 6   P2T A "CB'" 1 
HETATM 122 C "CC'" . P2T A 1 6  ? 5.244   -2.745  9.779   1.00 21.85 ? 6   P2T A "CC'" 1 
HETATM 123 C "CD'" . P2T A 1 6  ? 5.548   -4.152  9.240   1.00 24.90 ? 6   P2T A "CD'" 1 
HETATM 124 C "C3'" . P2T A 1 6  ? 0.604   -3.541  9.071   1.00 15.11 ? 6   P2T A "C3'" 1 
HETATM 125 O "O3'" . P2T A 1 6  ? 0.356   -3.382  10.449  1.00 16.30 ? 6   P2T A "O3'" 1 
ATOM   126 P P     . DA  A 1 7  ? -0.764  -2.335  10.936  1.00 17.13 ? 7   DA  A P     1 
ATOM   127 O OP1   . DA  A 1 7  ? -0.860  -2.602  12.417  1.00 19.89 ? 7   DA  A OP1   1 
ATOM   128 O OP2   . DA  A 1 7  ? -1.967  -2.360  10.109  1.00 16.91 ? 7   DA  A OP2   1 
ATOM   129 O "O5'" . DA  A 1 7  ? -0.081  -0.909  10.730  1.00 16.12 ? 7   DA  A "O5'" 1 
ATOM   130 C "C5'" . DA  A 1 7  ? 1.043   -0.540  11.509  1.00 16.09 ? 7   DA  A "C5'" 1 
ATOM   131 C "C4'" . DA  A 1 7  ? 1.578   0.782   11.025  1.00 12.91 ? 7   DA  A "C4'" 1 
ATOM   132 O "O4'" . DA  A 1 7  ? 2.085   0.617   9.684   1.00 13.89 ? 7   DA  A "O4'" 1 
ATOM   133 C "C3'" . DA  A 1 7  ? 0.540   1.890   10.900  1.00 13.76 ? 7   DA  A "C3'" 1 
ATOM   134 O "O3'" . DA  A 1 7  ? 0.294   2.530   12.156  1.00 16.46 ? 7   DA  A "O3'" 1 
ATOM   135 C "C2'" . DA  A 1 7  ? 1.212   2.814   9.899   1.00 15.76 ? 7   DA  A "C2'" 1 
ATOM   136 C "C1'" . DA  A 1 7  ? 1.876   1.830   8.941   1.00 12.61 ? 7   DA  A "C1'" 1 
ATOM   137 N N9    . DA  A 1 7  ? 0.967   1.549   7.833   1.00 12.64 ? 7   DA  A N9    1 
ATOM   138 C C8    . DA  A 1 7  ? 0.024   0.563   7.706   1.00 12.36 ? 7   DA  A C8    1 
ATOM   139 N N7    . DA  A 1 7  ? -0.677  0.639   6.604   1.00 14.33 ? 7   DA  A N7    1 
ATOM   140 C C5    . DA  A 1 7  ? -0.141  1.735   5.944   1.00 12.20 ? 7   DA  A C5    1 
ATOM   141 C C6    . DA  A 1 7  ? -0.459  2.356   4.726   1.00 13.65 ? 7   DA  A C6    1 
ATOM   142 N N6    . DA  A 1 7  ? -1.408  1.929   3.884   1.00 15.25 ? 7   DA  A N6    1 
ATOM   143 N N1    . DA  A 1 7  ? 0.242   3.455   4.388   1.00 13.72 ? 7   DA  A N1    1 
ATOM   144 C C2    . DA  A 1 7  ? 1.206   3.885   5.216   1.00 16.14 ? 7   DA  A C2    1 
ATOM   145 N N3    . DA  A 1 7  ? 1.603   3.379   6.384   1.00 15.22 ? 7   DA  A N3    1 
ATOM   146 C C4    . DA  A 1 7  ? 0.874   2.300   6.691   1.00 13.31 ? 7   DA  A C4    1 
ATOM   147 P P     . DC  A 1 8  ? -1.128  3.240   12.421  1.00 16.68 ? 8   DC  A P     1 
ATOM   148 O OP1   . DC  A 1 8  ? -1.163  3.596   13.883  1.00 20.86 ? 8   DC  A OP1   1 
ATOM   149 O OP2   . DC  A 1 8  ? -2.237  2.480   11.822  1.00 16.60 ? 8   DC  A OP2   1 
ATOM   150 O "O5'" . DC  A 1 8  ? -1.031  4.584   11.570  1.00 14.96 ? 8   DC  A "O5'" 1 
ATOM   151 C "C5'" . DC  A 1 8  ? -0.043  5.552   11.884  1.00 13.25 ? 8   DC  A "C5'" 1 
ATOM   152 C "C4'" . DC  A 1 8  ? 0.053   6.578   10.781  1.00 12.34 ? 8   DC  A "C4'" 1 
ATOM   153 O "O4'" . DC  A 1 8  ? 0.401   5.937   9.541   1.00 14.57 ? 8   DC  A "O4'" 1 
ATOM   154 C "C3'" . DC  A 1 8  ? -1.218  7.348   10.446  1.00 13.98 ? 8   DC  A "C3'" 1 
ATOM   155 O "O3'" . DC  A 1 8  ? -1.452  8.397   11.379  1.00 14.37 ? 8   DC  A "O3'" 1 
ATOM   156 C "C2'" . DC  A 1 8  ? -0.896  7.870   9.056   1.00 15.00 ? 8   DC  A "C2'" 1 
ATOM   157 C "C1'" . DC  A 1 8  ? -0.151  6.681   8.455   1.00 13.80 ? 8   DC  A "C1'" 1 
ATOM   158 N N1    . DC  A 1 8  ? -1.088  5.802   7.728   1.00 13.36 ? 8   DC  A N1    1 
ATOM   159 C C2    . DC  A 1 8  ? -1.425  6.144   6.430   1.00 14.96 ? 8   DC  A C2    1 
ATOM   160 O O2    . DC  A 1 8  ? -0.930  7.174   5.937   1.00 15.81 ? 8   DC  A O2    1 
ATOM   161 N N3    . DC  A 1 8  ? -2.289  5.365   5.744   1.00 15.82 ? 8   DC  A N3    1 
ATOM   162 C C4    . DC  A 1 8  ? -2.834  4.291   6.319   1.00 16.35 ? 8   DC  A C4    1 
ATOM   163 N N4    . DC  A 1 8  ? -3.709  3.569   5.596   1.00 17.84 ? 8   DC  A N4    1 
ATOM   164 C C5    . DC  A 1 8  ? -2.516  3.914   7.653   1.00 15.52 ? 8   DC  A C5    1 
ATOM   165 C C6    . DC  A 1 8  ? -1.632  4.687   8.315   1.00 13.46 ? 8   DC  A C6    1 
ATOM   166 P P     . DG  A 1 9  ? -2.937  9.005   11.540  1.00 14.83 ? 9   DG  A P     1 
ATOM   167 O OP1   . DG  A 1 9  ? -2.880  10.007  12.662  1.00 16.31 ? 9   DG  A OP1   1 
ATOM   168 O OP2   . DG  A 1 9  ? -3.978  7.961   11.586  1.00 16.46 ? 9   DG  A OP2   1 
ATOM   169 O "O5'" . DG  A 1 9  ? -3.194  9.817   10.198  1.00 12.08 ? 9   DG  A "O5'" 1 
ATOM   170 C "C5'" . DG  A 1 9  ? -2.442  10.986  9.874   1.00 12.43 ? 9   DG  A "C5'" 1 
ATOM   171 C "C4'" . DG  A 1 9  ? -2.932  11.561  8.568   1.00 12.75 ? 9   DG  A "C4'" 1 
ATOM   172 O "O4'" . DG  A 1 9  ? -2.616  10.641  7.512   1.00 13.88 ? 9   DG  A "O4'" 1 
ATOM   173 C "C3'" . DG  A 1 9  ? -4.442  11.732  8.464   1.00 12.99 ? 9   DG  A "C3'" 1 
ATOM   174 O "O3'" . DG  A 1 9  ? -4.862  12.935  9.056   1.00 15.65 ? 9   DG  A "O3'" 1 
ATOM   175 C "C2'" . DG  A 1 9  ? -4.638  11.757  6.966   1.00 14.78 ? 9   DG  A "C2'" 1 
ATOM   176 C "C1'" . DG  A 1 9  ? -3.637  10.705  6.521   1.00 13.20 ? 9   DG  A "C1'" 1 
ATOM   177 N N9    . DG  A 1 9  ? -4.296  9.406   6.457   1.00 14.86 ? 9   DG  A N9    1 
ATOM   178 C C8    . DG  A 1 9  ? -4.231  8.350   7.339   1.00 17.73 ? 9   DG  A C8    1 
ATOM   179 N N7    . DG  A 1 9  ? -4.922  7.314   6.943   1.00 16.94 ? 9   DG  A N7    1 
ATOM   180 C C5    . DG  A 1 9  ? -5.471  7.721   5.725   1.00 15.77 ? 9   DG  A C5    1 
ATOM   181 C C6    . DG  A 1 9  ? -6.295  7.023   4.800   1.00 16.91 ? 9   DG  A C6    1 
ATOM   182 O O6    . DG  A 1 9  ? -6.675  5.865   4.859   1.00 16.71 ? 9   DG  A O6    1 
ATOM   183 N N1    . DG  A 1 9  ? -6.650  7.826   3.715   1.00 17.26 ? 9   DG  A N1    1 
ATOM   184 C C2    . DG  A 1 9  ? -6.247  9.132   3.539   1.00 18.60 ? 9   DG  A C2    1 
ATOM   185 N N2    . DG  A 1 9  ? -6.700  9.795   2.443   1.00 16.52 ? 9   DG  A N2    1 
ATOM   186 N N3    . DG  A 1 9  ? -5.458  9.768   4.380   1.00 14.51 ? 9   DG  A N3    1 
ATOM   187 C C4    . DG  A 1 9  ? -5.114  9.010   5.436   1.00 14.52 ? 9   DG  A C4    1 
ATOM   188 P P     . DC  A 1 10 ? -6.343  13.038  9.654   1.00 16.36 ? 10  DC  A P     1 
ATOM   189 O OP1   . DC  A 1 10 ? -6.398  14.374  10.323  1.00 21.07 ? 10  DC  A OP1   1 
ATOM   190 O OP2   . DC  A 1 10 ? -6.728  11.841  10.387  1.00 18.57 ? 10  DC  A OP2   1 
ATOM   191 O "O5'" . DC  A 1 10 ? -7.256  13.099  8.345   1.00 12.95 ? 10  DC  A "O5'" 1 
ATOM   192 C "C5'" . DC  A 1 10 ? -7.221  14.207  7.453   1.00 14.54 ? 10  DC  A "C5'" 1 
ATOM   193 C "C4'" . DC  A 1 10 ? -8.191  13.979  6.322   1.00 14.99 ? 10  DC  A "C4'" 1 
ATOM   194 O "O4'" . DC  A 1 10 ? -7.801  12.812  5.559   1.00 13.21 ? 10  DC  A "O4'" 1 
ATOM   195 C "C3'" . DC  A 1 10 ? -9.630  13.704  6.734   1.00 15.22 ? 10  DC  A "C3'" 1 
ATOM   196 O "O3'" . DC  A 1 10 ? -10.337 14.927  7.006   1.00 15.18 ? 10  DC  A "O3'" 1 
ATOM   197 C "C2'" . DC  A 1 10 ? -10.172 12.968  5.524   1.00 14.40 ? 10  DC  A "C2'" 1 
ATOM   198 C "C1'" . DC  A 1 10 ? -8.966  12.165  5.041   1.00 14.76 ? 10  DC  A "C1'" 1 
ATOM   199 N N1    . DC  A 1 10 ? -8.976  10.776  5.517   1.00 13.82 ? 10  DC  A N1    1 
ATOM   200 C C2    . DC  A 1 10 ? -9.669  9.833   4.764   1.00 13.61 ? 10  DC  A C2    1 
ATOM   201 O O2    . DC  A 1 10 ? -10.268 10.212  3.738   1.00 16.97 ? 10  DC  A O2    1 
ATOM   202 N N3    . DC  A 1 10 ? -9.683  8.538   5.174   1.00 15.25 ? 10  DC  A N3    1 
ATOM   203 C C4    . DC  A 1 10 ? -9.064  8.193   6.305   1.00 17.04 ? 10  DC  A C4    1 
ATOM   204 N N4    . DC  A 1 10 ? -9.144  6.917   6.696   1.00 18.20 ? 10  DC  A N4    1 
ATOM   205 C C5    . DC  A 1 10 ? -8.349  9.143   7.092   1.00 16.55 ? 10  DC  A C5    1 
ATOM   206 C C6    . DC  A 1 10 ? -8.329  10.407  6.663   1.00 15.81 ? 10  DC  A C6    1 
ATOM   207 O "O5'" . DG  B 1 1  ? -12.589 0.374   -0.462  1.00 35.42 ? 11  DG  B "O5'" 1 
ATOM   208 C "C5'" . DG  B 1 1  ? -13.695 0.710   -1.300  1.00 30.79 ? 11  DG  B "C5'" 1 
ATOM   209 C "C4'" . DG  B 1 1  ? -13.800 2.204   -1.491  1.00 27.89 ? 11  DG  B "C4'" 1 
ATOM   210 O "O4'" . DG  B 1 1  ? -14.251 2.818   -0.262  1.00 29.18 ? 11  DG  B "O4'" 1 
ATOM   211 C "C3'" . DG  B 1 1  ? -12.477 2.888   -1.814  1.00 26.82 ? 11  DG  B "C3'" 1 
ATOM   212 O "O3'" . DG  B 1 1  ? -12.219 2.904   -3.227  1.00 24.77 ? 11  DG  B "O3'" 1 
ATOM   213 C "C2'" . DG  B 1 1  ? -12.689 4.293   -1.279  1.00 23.98 ? 11  DG  B "C2'" 1 
ATOM   214 C "C1'" . DG  B 1 1  ? -13.591 4.064   -0.066  1.00 24.89 ? 11  DG  B "C1'" 1 
ATOM   215 N N9    . DG  B 1 1  ? -12.871 3.988   1.203   1.00 22.34 ? 11  DG  B N9    1 
ATOM   216 C C8    . DG  B 1 1  ? -12.656 2.871   1.969   1.00 19.85 ? 11  DG  B C8    1 
ATOM   217 N N7    . DG  B 1 1  ? -11.986 3.117   3.064   1.00 21.58 ? 11  DG  B N7    1 
ATOM   218 C C5    . DG  B 1 1  ? -11.752 4.490   3.021   1.00 21.31 ? 11  DG  B C5    1 
ATOM   219 C C6    . DG  B 1 1  ? -11.079 5.349   3.950   1.00 19.55 ? 11  DG  B C6    1 
ATOM   220 O O6    . DG  B 1 1  ? -10.577 5.062   5.049   1.00 18.90 ? 11  DG  B O6    1 
ATOM   221 N N1    . DG  B 1 1  ? -11.052 6.659   3.495   1.00 16.91 ? 11  DG  B N1    1 
ATOM   222 C C2    . DG  B 1 1  ? -11.608 7.098   2.311   1.00 20.90 ? 11  DG  B C2    1 
ATOM   223 N N2    . DG  B 1 1  ? -11.480 8.399   2.019   1.00 17.86 ? 11  DG  B N2    1 
ATOM   224 N N3    . DG  B 1 1  ? -12.247 6.306   1.455   1.00 20.00 ? 11  DG  B N3    1 
ATOM   225 C C4    . DG  B 1 1  ? -12.278 5.037   1.871   1.00 20.42 ? 11  DG  B C4    1 
ATOM   226 P P     . DC  B 1 2  ? -10.716 3.059   -3.755  1.00 26.36 ? 12  DC  B P     1 
ATOM   227 O OP1   . DC  B 1 2  ? -10.766 2.945   -5.243  1.00 30.32 ? 12  DC  B OP1   1 
ATOM   228 O OP2   . DC  B 1 2  ? -9.781  2.191   -2.982  1.00 26.80 ? 12  DC  B OP2   1 
ATOM   229 O "O5'" . DC  B 1 2  ? -10.335 4.574   -3.420  1.00 25.25 ? 12  DC  B "O5'" 1 
ATOM   230 C "C5'" . DC  B 1 2  ? -10.888 5.654   -4.192  1.00 25.35 ? 12  DC  B "C5'" 1 
ATOM   231 C "C4'" . DC  B 1 2  ? -10.362 6.971   -3.680  1.00 22.87 ? 12  DC  B "C4'" 1 
ATOM   232 O "O4'" . DC  B 1 2  ? -10.771 7.115   -2.303  1.00 21.79 ? 12  DC  B "O4'" 1 
ATOM   233 C "C3'" . DC  B 1 2  ? -8.843  7.064   -3.644  1.00 22.86 ? 12  DC  B "C3'" 1 
ATOM   234 O "O3'" . DC  B 1 2  ? -8.255  7.407   -4.927  1.00 22.91 ? 12  DC  B "O3'" 1 
ATOM   235 C "C2'" . DC  B 1 2  ? -8.613  8.076   -2.536  1.00 20.49 ? 12  DC  B "C2'" 1 
ATOM   236 C "C1'" . DC  B 1 2  ? -9.738  7.760   -1.552  1.00 19.17 ? 12  DC  B "C1'" 1 
ATOM   237 N N1    . DC  B 1 2  ? -9.308  6.844   -0.459  1.00 19.91 ? 12  DC  B N1    1 
ATOM   238 C C2    . DC  B 1 2  ? -8.643  7.395   0.637   1.00 18.09 ? 12  DC  B C2    1 
ATOM   239 O O2    . DC  B 1 2  ? -8.422  8.593   0.635   1.00 17.38 ? 12  DC  B O2    1 
ATOM   240 N N3    . DC  B 1 2  ? -8.249  6.601   1.653   1.00 16.15 ? 12  DC  B N3    1 
ATOM   241 C C4    . DC  B 1 2  ? -8.469  5.286   1.602   1.00 18.52 ? 12  DC  B C4    1 
ATOM   242 N N4    . DC  B 1 2  ? -8.072  4.546   2.639   1.00 17.99 ? 12  DC  B N4    1 
ATOM   243 C C5    . DC  B 1 2  ? -9.116  4.676   0.482   1.00 17.67 ? 12  DC  B C5    1 
ATOM   244 C C6    . DC  B 1 2  ? -9.533  5.495   -0.516  1.00 18.85 ? 12  DC  B C6    1 
ATOM   245 P P     . DG  B 1 3  ? -6.746  6.931   -5.244  1.00 30.83 ? 13  DG  B P     1 
ATOM   246 O OP1   . DG  B 1 3  ? -6.355  7.463   -6.581  1.00 33.55 ? 13  DG  B OP1   1 
ATOM   247 O OP2   . DG  B 1 3  ? -6.668  5.475   -4.976  1.00 28.86 ? 13  DG  B OP2   1 
ATOM   248 O "O5'" . DG  B 1 3  ? -5.855  7.670   -4.149  1.00 24.94 ? 13  DG  B "O5'" 1 
ATOM   249 C "C5'" . DG  B 1 3  ? -5.707  9.078   -4.189  1.00 23.69 ? 13  DG  B "C5'" 1 
ATOM   250 C "C4'" . DG  B 1 3  ? -4.916  9.547   -2.999  1.00 24.69 ? 13  DG  B "C4'" 1 
ATOM   251 O "O4'" . DG  B 1 3  ? -5.614  9.166   -1.785  1.00 23.16 ? 13  DG  B "O4'" 1 
ATOM   252 C "C3'" . DG  B 1 3  ? -3.556  8.897   -2.829  1.00 20.49 ? 13  DG  B "C3'" 1 
ATOM   253 O "O3'" . DG  B 1 3  ? -2.550  9.427   -3.679  1.00 19.62 ? 13  DG  B "O3'" 1 
ATOM   254 C "C2'" . DG  B 1 3  ? -3.268  9.205   -1.368  1.00 18.27 ? 13  DG  B "C2'" 1 
ATOM   255 C "C1'" . DG  B 1 3  ? -4.649  9.070   -0.733  1.00 20.04 ? 13  DG  B "C1'" 1 
ATOM   256 N N9    . DG  B 1 3  ? -4.802  7.776   -0.068  1.00 20.52 ? 13  DG  B N9    1 
ATOM   257 C C8    . DG  B 1 3  ? -5.524  6.673   -0.474  1.00 17.75 ? 13  DG  B C8    1 
ATOM   258 N N7    . DG  B 1 3  ? -5.405  5.651   0.342   1.00 18.30 ? 13  DG  B N7    1 
ATOM   259 C C5    . DG  B 1 3  ? -4.573  6.116   1.359   1.00 17.03 ? 13  DG  B C5    1 
ATOM   260 C C6    . DG  B 1 3  ? -4.090  5.464   2.543   1.00 17.71 ? 13  DG  B C6    1 
ATOM   261 O O6    . DG  B 1 3  ? -4.306  4.311   2.926   1.00 16.56 ? 13  DG  B O6    1 
ATOM   262 N N1    . DG  B 1 3  ? -3.268  6.319   3.295   1.00 16.12 ? 13  DG  B N1    1 
ATOM   263 C C2    . DG  B 1 3  ? -2.957  7.624   2.945   1.00 17.22 ? 13  DG  B C2    1 
ATOM   264 N N2    . DG  B 1 3  ? -2.121  8.307   3.758   1.00 15.46 ? 13  DG  B N2    1 
ATOM   265 N N3    . DG  B 1 3  ? -3.412  8.227   1.864   1.00 17.08 ? 13  DG  B N3    1 
ATOM   266 C C4    . DG  B 1 3  ? -4.198  7.425   1.122   1.00 18.90 ? 13  DG  B C4    1 
ATOM   267 P P     . DT  B 1 4  ? -1.275  8.533   -4.030  1.00 19.62 ? 14  DT  B P     1 
ATOM   268 O OP1   . DT  B 1 4  ? -0.469  9.249   -5.061  1.00 20.83 ? 14  DT  B OP1   1 
ATOM   269 O OP2   . DT  B 1 4  ? -1.702  7.130   -4.237  1.00 17.12 ? 14  DT  B OP2   1 
ATOM   270 O "O5'" . DT  B 1 4  ? -0.435  8.586   -2.677  1.00 18.45 ? 14  DT  B "O5'" 1 
ATOM   271 C "C5'" . DT  B 1 4  ? 0.071   9.827   -2.219  1.00 20.65 ? 14  DT  B "C5'" 1 
ATOM   272 C "C4'" . DT  B 1 4  ? 0.911   9.608   -0.988  1.00 17.35 ? 14  DT  B "C4'" 1 
ATOM   273 O "O4'" . DT  B 1 4  ? 0.028   9.220   0.090   1.00 18.66 ? 14  DT  B "O4'" 1 
ATOM   274 C "C3'" . DT  B 1 4  ? 1.920   8.464   -1.080  1.00 17.87 ? 14  DT  B "C3'" 1 
ATOM   275 O "O3'" . DT  B 1 4  ? 3.123   8.806   -1.779  1.00 16.99 ? 14  DT  B "O3'" 1 
ATOM   276 C "C2'" . DT  B 1 4  ? 2.149   8.149   0.383   1.00 17.25 ? 14  DT  B "C2'" 1 
ATOM   277 C "C1'" . DT  B 1 4  ? 0.743   8.337   0.966   1.00 15.00 ? 14  DT  B "C1'" 1 
ATOM   278 N N1    . DT  B 1 4  ? 0.040   7.031   1.015   1.00 15.09 ? 14  DT  B N1    1 
ATOM   279 C C2    . DT  B 1 4  ? 0.292   6.243   2.135   1.00 16.92 ? 14  DT  B C2    1 
ATOM   280 O O2    . DT  B 1 4  ? 1.016   6.595   3.056   1.00 16.94 ? 14  DT  B O2    1 
ATOM   281 N N3    . DT  B 1 4  ? -0.318  5.020   2.122   1.00 14.88 ? 14  DT  B N3    1 
ATOM   282 C C4    . DT  B 1 4  ? -1.124  4.498   1.123   1.00 13.00 ? 14  DT  B C4    1 
ATOM   283 O O4    . DT  B 1 4  ? -1.579  3.380   1.245   1.00 14.20 ? 14  DT  B O4    1 
ATOM   284 C C5    . DT  B 1 4  ? -1.358  5.369   -0.005  1.00 15.33 ? 14  DT  B C5    1 
ATOM   285 C C7    . DT  B 1 4  ? -2.224  4.872   -1.125  1.00 16.15 ? 14  DT  B C7    1 
ATOM   286 C C6    . DT  B 1 4  ? -0.785  6.585   0.001   1.00 16.37 ? 14  DT  B C6    1 
ATOM   287 P P     . DA  B 1 5  ? 4.023   7.649   -2.409  1.00 21.53 ? 15  DA  B P     1 
ATOM   288 O OP1   . DA  B 1 5  ? 5.091   8.343   -3.187  1.00 24.15 ? 15  DA  B OP1   1 
ATOM   289 O OP2   . DA  B 1 5  ? 3.153   6.648   -3.069  1.00 21.63 ? 15  DA  B OP2   1 
ATOM   290 O "O5'" . DA  B 1 5  ? 4.647   6.977   -1.110  1.00 20.85 ? 15  DA  B "O5'" 1 
ATOM   291 C "C5'" . DA  B 1 5  ? 5.358   7.780   -0.171  1.00 22.43 ? 15  DA  B "C5'" 1 
ATOM   292 C "C4'" . DA  B 1 5  ? 5.776   6.944   1.016   1.00 17.86 ? 15  DA  B "C4'" 1 
ATOM   293 O "O4'" . DA  B 1 5  ? 4.620   6.590   1.783   1.00 19.56 ? 15  DA  B "O4'" 1 
ATOM   294 C "C3'" . DA  B 1 5  ? 6.434   5.610   0.685   1.00 22.12 ? 15  DA  B "C3'" 1 
ATOM   295 O "O3'" . DA  B 1 5  ? 7.808   5.781   0.420   1.00 21.14 ? 15  DA  B "O3'" 1 
ATOM   296 C "C2'" . DA  B 1 5  ? 6.186   4.814   1.950   1.00 19.64 ? 15  DA  B "C2'" 1 
ATOM   297 C "C1'" . DA  B 1 5  ? 4.807   5.301   2.360   1.00 20.34 ? 15  DA  B "C1'" 1 
ATOM   298 N N9    . DA  B 1 5  ? 3.754   4.442   1.843   1.00 17.00 ? 15  DA  B N9    1 
ATOM   299 C C8    . DA  B 1 5  ? 2.971   4.624   0.723   1.00 15.78 ? 15  DA  B C8    1 
ATOM   300 N N7    . DA  B 1 5  ? 2.096   3.667   0.532   1.00 15.53 ? 15  DA  B N7    1 
ATOM   301 C C5    . DA  B 1 5  ? 2.319   2.801   1.609   1.00 14.97 ? 15  DA  B C5    1 
ATOM   302 C C6    . DA  B 1 5  ? 1.709   1.599   2.006   1.00 15.35 ? 15  DA  B C6    1 
ATOM   303 N N6    . DA  B 1 5  ? 0.677   1.045   1.376   1.00 14.86 ? 15  DA  B N6    1 
ATOM   304 N N1    . DA  B 1 5  ? 2.197   0.980   3.097   1.00 14.66 ? 15  DA  B N1    1 
ATOM   305 C C2    . DA  B 1 5  ? 3.207   1.535   3.768   1.00 13.90 ? 15  DA  B C2    1 
ATOM   306 N N3    . DA  B 1 5  ? 3.854   2.676   3.516   1.00 17.74 ? 15  DA  B N3    1 
ATOM   307 C C4    . DA  B 1 5  ? 3.349   3.261   2.406   1.00 16.64 ? 15  DA  B C4    1 
HETATM 308 P P     . P2T B 1 6  ? 8.581   4.698   -0.462  1.00 21.07 ? 16  P2T B P     1 
HETATM 309 O OP1   . P2T B 1 6  ? 9.923   5.283   -0.776  1.00 25.46 ? 16  P2T B OP1   1 
HETATM 310 O OP2   . P2T B 1 6  ? 7.724   4.202   -1.580  1.00 22.45 ? 16  P2T B OP2   1 
HETATM 311 O "O5'" . P2T B 1 6  ? 8.772   3.449   0.506   1.00 22.09 ? 16  P2T B "O5'" 1 
HETATM 312 C "C5'" . P2T B 1 6  ? 9.600   3.529   1.657   1.00 19.76 ? 16  P2T B "C5'" 1 
HETATM 313 C "C4'" . P2T B 1 6  ? 9.517   2.253   2.447   1.00 18.09 ? 16  P2T B "C4'" 1 
HETATM 314 O "O4'" . P2T B 1 6  ? 8.184   2.106   3.022   1.00 17.66 ? 16  P2T B "O4'" 1 
HETATM 315 C "C1'" . P2T B 1 6  ? 7.869   0.726   3.110   1.00 16.89 ? 16  P2T B "C1'" 1 
HETATM 316 N N1    . P2T B 1 6  ? 6.704   0.479   2.258   1.00 14.53 ? 16  P2T B N1    1 
HETATM 317 C C6    . P2T B 1 6  ? 6.418   1.289   1.188   1.00 14.70 ? 16  P2T B C6    1 
HETATM 318 C C2    . P2T B 1 6  ? 5.925   -0.595  2.571   1.00 16.78 ? 16  P2T B C2    1 
HETATM 319 O O2    . P2T B 1 6  ? 6.187   -1.331  3.517   1.00 18.27 ? 16  P2T B O2    1 
HETATM 320 N N3    . P2T B 1 6  ? 4.840   -0.782  1.737   1.00 15.46 ? 16  P2T B N3    1 
HETATM 321 C C4    . P2T B 1 6  ? 4.483   0.003   0.651   1.00 18.17 ? 16  P2T B C4    1 
HETATM 322 O O4    . P2T B 1 6  ? 3.479   -0.242  0.004   1.00 16.56 ? 16  P2T B O4    1 
HETATM 323 C C5    . P2T B 1 6  ? 5.368   1.114   0.376   1.00 16.28 ? 16  P2T B C5    1 
HETATM 324 C C5M   . P2T B 1 6  ? 5.062   2.016   -0.779  1.00 17.37 ? 16  P2T B C5M   1 
HETATM 325 C "C2'" . P2T B 1 6  ? 9.089   -0.051  2.618   1.00 19.10 ? 16  P2T B "C2'" 1 
HETATM 326 O "O2'" . P2T B 1 6  ? 9.935   -0.176  3.748   1.00 18.96 ? 16  P2T B "O2'" 1 
HETATM 327 C "CB'" . P2T B 1 6  ? 9.470   -1.118  4.715   1.00 18.48 ? 16  P2T B "CB'" 1 
HETATM 328 C "CC'" . P2T B 1 6  ? 10.625  -1.420  5.665   1.00 23.26 ? 16  P2T B "CC'" 1 
HETATM 329 C "CD'" . P2T B 1 6  ? 11.844  -1.936  4.893   1.00 29.16 ? 16  P2T B "CD'" 1 
HETATM 330 C "C3'" . P2T B 1 6  ? 9.725   0.963   1.677   1.00 18.11 ? 16  P2T B "C3'" 1 
HETATM 331 O "O3'" . P2T B 1 6  ? 11.084  0.672   1.414   1.00 21.34 ? 16  P2T B "O3'" 1 
ATOM   332 P P     . DA  B 1 7  ? 11.483  -0.114  0.067   1.00 22.26 ? 17  DA  B P     1 
ATOM   333 O OP1   . DA  B 1 7  ? 12.973  -0.095  -0.011  1.00 26.21 ? 17  DA  B OP1   1 
ATOM   334 O OP2   . DA  B 1 7  ? 10.681  0.367   -1.080  1.00 20.71 ? 17  DA  B OP2   1 
ATOM   335 O "O5'" . DA  B 1 7  ? 11.064  -1.631  0.335   1.00 21.37 ? 17  DA  B "O5'" 1 
ATOM   336 C "C5'" . DA  B 1 7  ? 11.760  -2.397  1.321   1.00 20.78 ? 17  DA  B "C5'" 1 
ATOM   337 C "C4'" . DA  B 1 7  ? 11.057  -3.706  1.586   1.00 18.36 ? 17  DA  B "C4'" 1 
ATOM   338 O "O4'" . DA  B 1 7  ? 9.741   -3.452  2.112   1.00 22.07 ? 17  DA  B "O4'" 1 
ATOM   339 C "C3'" . DA  B 1 7  ? 10.809  -4.590  0.377   1.00 21.43 ? 17  DA  B "C3'" 1 
ATOM   340 O "O3'" . DA  B 1 7  ? 11.970  -5.326  -0.005  1.00 19.64 ? 17  DA  B "O3'" 1 
ATOM   341 C "C2'" . DA  B 1 7  ? 9.690   -5.483  0.872   1.00 20.77 ? 17  DA  B "C2'" 1 
ATOM   342 C "C1'" . DA  B 1 7  ? 8.871   -4.521  1.725   1.00 18.39 ? 17  DA  B "C1'" 1 
ATOM   343 N N9    . DA  B 1 7  ? 7.790   -3.958  0.932   1.00 17.18 ? 17  DA  B N9    1 
ATOM   344 C C8    . DA  B 1 7  ? 7.745   -2.792  0.210   1.00 17.80 ? 17  DA  B C8    1 
ATOM   345 N N7    . DA  B 1 7  ? 6.611   -2.612  -0.432  1.00 17.54 ? 17  DA  B N7    1 
ATOM   346 C C5    . DA  B 1 7  ? 5.863   -3.731  -0.100  1.00 15.49 ? 17  DA  B C5    1 
ATOM   347 C C6    . DA  B 1 7  ? 4.568   -4.132  -0.453  1.00 14.05 ? 17  DA  B C6    1 
ATOM   348 N N6    . DA  B 1 7  ? 3.755   -3.400  -1.220  1.00 14.70 ? 17  DA  B N6    1 
ATOM   349 N N1    . DA  B 1 7  ? 4.128   -5.314  0.026   1.00 13.95 ? 17  DA  B N1    1 
ATOM   350 C C2    . DA  B 1 7  ? 4.938   -6.031  0.819   1.00 13.81 ? 17  DA  B C2    1 
ATOM   351 N N3    . DA  B 1 7  ? 6.177   -5.743  1.239   1.00 18.22 ? 17  DA  B N3    1 
ATOM   352 C C4    . DA  B 1 7  ? 6.577   -4.567  0.736   1.00 16.76 ? 17  DA  B C4    1 
ATOM   353 P P     . DC  B 1 8  ? 12.272  -5.546  -1.552  1.00 22.65 ? 18  DC  B P     1 
ATOM   354 O OP1   . DC  B 1 8  ? 13.661  -6.069  -1.573  1.00 26.19 ? 18  DC  B OP1   1 
ATOM   355 O OP2   . DC  B 1 8  ? 11.916  -4.360  -2.372  1.00 22.50 ? 18  DC  B OP2   1 
ATOM   356 O "O5'" . DC  B 1 8  ? 11.246  -6.716  -1.947  1.00 19.68 ? 18  DC  B "O5'" 1 
ATOM   357 C "C5'" . DC  B 1 8  ? 11.236  -7.942  -1.215  1.00 19.11 ? 18  DC  B "C5'" 1 
ATOM   358 C "C4'" . DC  B 1 8  ? 9.940   -8.687  -1.454  1.00 18.42 ? 18  DC  B "C4'" 1 
ATOM   359 O "O4'" . DC  B 1 8  ? 8.836   -7.912  -0.946  1.00 17.94 ? 18  DC  B "O4'" 1 
ATOM   360 C "C3'" . DC  B 1 8  ? 9.564   -8.975  -2.900  1.00 22.27 ? 18  DC  B "C3'" 1 
ATOM   361 O "O3'" . DC  B 1 8  ? 10.197  -10.159 -3.362  1.00 18.90 ? 18  DC  B "O3'" 1 
ATOM   362 C "C2'" . DC  B 1 8  ? 8.067   -9.192  -2.794  1.00 16.73 ? 18  DC  B "C2'" 1 
ATOM   363 C "C1'" . DC  B 1 8  ? 7.649   -8.212  -1.703  1.00 14.35 ? 18  DC  B "C1'" 1 
ATOM   364 N N1    . DC  B 1 8  ? 7.128   -6.966  -2.293  1.00 16.49 ? 18  DC  B N1    1 
ATOM   365 C C2    . DC  B 1 8  ? 5.793   -6.945  -2.659  1.00 15.23 ? 18  DC  B C2    1 
ATOM   366 O O2    . DC  B 1 8  ? 5.113   -7.958  -2.417  1.00 17.34 ? 18  DC  B O2    1 
ATOM   367 N N3    . DC  B 1 8  ? 5.272   -5.840  -3.268  1.00 14.61 ? 18  DC  B N3    1 
ATOM   368 C C4    . DC  B 1 8  ? 6.060   -4.783  -3.496  1.00 16.62 ? 18  DC  B C4    1 
ATOM   369 N N4    . DC  B 1 8  ? 5.527   -3.729  -4.113  1.00 16.52 ? 18  DC  B N4    1 
ATOM   370 C C5    . DC  B 1 8  ? 7.435   -4.772  -3.113  1.00 16.34 ? 18  DC  B C5    1 
ATOM   371 C C6    . DC  B 1 8  ? 7.926   -5.872  -2.516  1.00 17.88 ? 18  DC  B C6    1 
ATOM   372 P P     . DG  B 1 9  ? 10.310  -10.429 -4.939  1.00 23.87 ? 19  DG  B P     1 
ATOM   373 O OP1   . DG  B 1 9  ? 11.107  -11.663 -5.036  1.00 26.70 ? 19  DG  B OP1   1 
ATOM   374 O OP2   . DG  B 1 9  ? 10.707  -9.243  -5.649  1.00 23.73 ? 19  DG  B OP2   1 
ATOM   375 O "O5'" . DG  B 1 9  ? 8.818   -10.698 -5.442  1.00 20.95 ? 19  DG  B "O5'" 1 
ATOM   376 C "C5'" . DG  B 1 9  ? 8.131   -11.875 -5.092  1.00 18.39 ? 19  DG  B "C5'" 1 
ATOM   377 C "C4'" . DG  B 1 9  ? 6.687   -11.784 -5.535  1.00 15.64 ? 19  DG  B "C4'" 1 
ATOM   378 O "O4'" . DG  B 1 9  ? 6.106   -10.582 -4.984  1.00 16.13 ? 19  DG  B "O4'" 1 
ATOM   379 C "C3'" . DG  B 1 9  ? 6.337   -11.704 -7.021  1.00 16.12 ? 19  DG  B "C3'" 1 
ATOM   380 O "O3'" . DG  B 1 9  ? 6.307   -13.000 -7.627  1.00 17.57 ? 19  DG  B "O3'" 1 
ATOM   381 C "C2'" . DG  B 1 9  ? 4.928   -11.157 -6.971  1.00 14.60 ? 19  DG  B "C2'" 1 
ATOM   382 C "C1'" . DG  B 1 9  ? 4.977   -10.216 -5.786  1.00 15.36 ? 19  DG  B "C1'" 1 
ATOM   383 N N9    . DG  B 1 9  ? 5.115   -8.820  -6.187  1.00 15.18 ? 19  DG  B N9    1 
ATOM   384 C C8    . DG  B 1 9  ? 6.177   -7.968  -5.987  1.00 15.81 ? 19  DG  B C8    1 
ATOM   385 N N7    . DG  B 1 9  ? 5.923   -6.745  -6.371  1.00 15.41 ? 19  DG  B N7    1 
ATOM   386 C C5    . DG  B 1 9  ? 4.634   -6.799  -6.888  1.00 15.91 ? 19  DG  B C5    1 
ATOM   387 C C6    . DG  B 1 9  ? 3.802   -5.784  -7.459  1.00 15.52 ? 19  DG  B C6    1 
ATOM   388 O O6    . DG  B 1 9  ? 4.024   -4.570  -7.592  1.00 17.33 ? 19  DG  B O6    1 
ATOM   389 N N1    . DG  B 1 9  ? 2.595   -6.297  -7.896  1.00 16.27 ? 19  DG  B N1    1 
ATOM   390 C C2    . DG  B 1 9  ? 2.209   -7.603  -7.784  1.00 14.66 ? 19  DG  B C2    1 
ATOM   391 N N2    . DG  B 1 9  ? 1.016   -7.908  -8.292  1.00 15.45 ? 19  DG  B N2    1 
ATOM   392 N N3    . DG  B 1 9  ? 2.951   -8.544  -7.225  1.00 15.19 ? 19  DG  B N3    1 
ATOM   393 C C4    . DG  B 1 9  ? 4.135   -8.079  -6.808  1.00 15.46 ? 19  DG  B C4    1 
ATOM   394 P P     . DC  B 1 10 ? 6.507   -13.146 -9.210  1.00 18.00 ? 20  DC  B P     1 
ATOM   395 O OP1   . DC  B 1 10 ? 6.613   -14.593 -9.459  1.00 18.96 ? 20  DC  B OP1   1 
ATOM   396 O OP2   . DC  B 1 10 ? 7.546   -12.245 -9.694  1.00 16.53 ? 20  DC  B OP2   1 
ATOM   397 O "O5'" . DC  B 1 10 ? 5.149   -12.617 -9.865  1.00 16.39 ? 20  DC  B "O5'" 1 
ATOM   398 C "C5'" . DC  B 1 10 ? 3.923   -13.358 -9.773  1.00 16.56 ? 20  DC  B "C5'" 1 
ATOM   399 C "C4'" . DC  B 1 10 ? 2.841   -12.629 -10.533 1.00 17.03 ? 20  DC  B "C4'" 1 
ATOM   400 O "O4'" . DC  B 1 10 ? 2.609   -11.332 -9.932  1.00 18.32 ? 20  DC  B "O4'" 1 
ATOM   401 C "C3'" . DC  B 1 10 ? 3.195   -12.314 -11.984 1.00 15.42 ? 20  DC  B "C3'" 1 
ATOM   402 O "O3'" . DC  B 1 10 ? 2.805   -13.376 -12.880 1.00 18.78 ? 20  DC  B "O3'" 1 
ATOM   403 C "C2'" . DC  B 1 10 ? 2.318   -11.119 -12.289 1.00 17.01 ? 20  DC  B "C2'" 1 
ATOM   404 C "C1'" . DC  B 1 10 ? 2.220   -10.403 -10.947 1.00 16.20 ? 20  DC  B "C1'" 1 
ATOM   405 N N1    . DC  B 1 10 ? 3.079   -9.220  -10.844 1.00 14.33 ? 20  DC  B N1    1 
ATOM   406 C C2    . DC  B 1 10 ? 2.571   -8.016  -11.298 1.00 11.49 ? 20  DC  B C2    1 
ATOM   407 O O2    . DC  B 1 10 ? 1.453   -8.017  -11.845 1.00 14.03 ? 20  DC  B O2    1 
ATOM   408 N N3    . DC  B 1 10 ? 3.299   -6.891  -11.150 1.00 13.07 ? 20  DC  B N3    1 
ATOM   409 C C4    . DC  B 1 10 ? 4.504   -6.949  -10.586 1.00 14.68 ? 20  DC  B C4    1 
ATOM   410 N N4    . DC  B 1 10 ? 5.175   -5.789  -10.420 1.00 15.29 ? 20  DC  B N4    1 
ATOM   411 C C5    . DC  B 1 10 ? 5.076   -8.180  -10.156 1.00 15.54 ? 20  DC  B C5    1 
ATOM   412 C C6    . DC  B 1 10 ? 4.330   -9.285  -10.302 1.00 12.60 ? 20  DC  B C6    1 
HETATM 413 O O     . HOH C 2 .  ? -9.642  15.921  9.456   1.00 15.23 ? 101 HOH A O     1 
HETATM 414 O O     . HOH C 2 .  ? -3.070  -0.713  6.310   1.00 19.65 ? 102 HOH A O     1 
HETATM 415 O O     . HOH C 2 .  ? -3.324  -3.011  7.786   1.00 17.72 ? 103 HOH A O     1 
HETATM 416 O O     . HOH C 2 .  ? 3.912   -6.600  5.615   1.00 21.78 ? 106 HOH A O     1 
HETATM 417 O O     . HOH C 2 .  ? -2.367  -7.999  -10.834 1.00 21.48 ? 107 HOH A O     1 
HETATM 418 O O     . HOH C 2 .  ? -3.643  -7.121  0.565   1.00 20.19 ? 108 HOH A O     1 
HETATM 419 O O     . HOH C 2 .  ? 4.618   0.294   7.057   1.00 25.11 ? 109 HOH A O     1 
HETATM 420 O O     . HOH C 2 .  ? -5.571  4.958   8.476   1.00 25.13 ? 110 HOH A O     1 
HETATM 421 O O     . HOH C 2 .  ? -3.888  -2.772  -6.277  1.00 24.21 ? 111 HOH A O     1 
HETATM 422 O O     . HOH C 2 .  ? -5.274  12.404  3.397   1.00 20.76 ? 112 HOH A O     1 
HETATM 423 O O     . HOH C 2 .  ? -6.601  8.963   10.395  1.00 21.84 ? 113 HOH A O     1 
HETATM 424 O O     . HOH C 2 .  ? -4.920  1.259   7.239   1.00 21.22 ? 114 HOH A O     1 
HETATM 425 O O     . HOH C 2 .  ? -7.836  6.427   9.217   1.00 24.64 ? 115 HOH A O     1 
HETATM 426 O O     . HOH C 2 .  ? -2.991  -0.696  1.464   1.00 22.92 ? 119 HOH A O     1 
HETATM 427 O O     . HOH C 2 .  ? -4.470  3.874   10.758  1.00 23.00 ? 120 HOH A O     1 
HETATM 428 O O     . HOH C 2 .  ? -8.765  14.598  11.707  1.00 22.53 ? 121 HOH A O     1 
HETATM 429 O O     . HOH C 2 .  ? -7.177  3.682   6.298   1.00 24.97 ? 122 HOH A O     1 
HETATM 430 O O     . HOH C 2 .  ? 3.243   -7.895  8.161   1.00 29.22 ? 123 HOH A O     1 
HETATM 431 O O     . HOH C 2 .  ? -5.612  -4.810  -2.517  1.00 29.16 ? 124 HOH A O     1 
HETATM 432 O O     . HOH C 2 .  ? -4.780  -6.016  4.674   1.00 32.05 ? 125 HOH A O     1 
HETATM 433 O O     . HOH C 2 .  ? -2.608  -3.169  0.466   1.00 30.39 ? 127 HOH A O     1 
HETATM 434 O O     . HOH C 2 .  ? -4.819  -14.077 1.378   1.00 33.17 ? 128 HOH A O     1 
HETATM 435 O O     . HOH C 2 .  ? -4.362  -11.498 5.855   1.00 27.75 ? 129 HOH A O     1 
HETATM 436 O O     . HOH C 2 .  ? -3.976  0.125   3.909   1.00 26.90 ? 130 HOH A O     1 
HETATM 437 O O     . HOH C 2 .  ? -3.446  -2.771  -3.638  1.00 32.76 ? 131 HOH A O     1 
HETATM 438 O O     . HOH C 2 .  ? -6.892  11.421  13.107  1.00 25.95 ? 135 HOH A O     1 
HETATM 439 O O     . HOH C 2 .  ? -2.904  -0.323  -6.966  1.00 27.56 ? 142 HOH A O     1 
HETATM 440 O O     . HOH C 2 .  ? -3.259  0.276   10.142  1.00 28.16 ? 143 HOH A O     1 
HETATM 441 O O     . HOH C 2 .  ? 3.744   -1.482  -6.055  1.00 29.92 ? 146 HOH A O     1 
HETATM 442 O O     . HOH C 2 .  ? 7.284   -1.127  7.151   1.00 28.99 ? 147 HOH A O     1 
HETATM 443 O O     . HOH C 2 .  ? -5.403  15.352  4.229   1.00 28.63 ? 148 HOH A O     1 
HETATM 444 O O     . HOH C 2 .  ? -7.693  5.919   13.173  1.00 36.47 ? 150 HOH A O     1 
HETATM 445 O O     . HOH C 2 .  ? -9.448  17.796  6.643   1.00 35.99 ? 156 HOH A O     1 
HETATM 446 O O     . HOH C 2 .  ? -2.949  -6.141  11.526  1.00 35.85 ? 158 HOH A O     1 
HETATM 447 O O     . HOH C 2 .  ? -0.201  -1.260  -5.806  1.00 29.79 ? 159 HOH A O     1 
HETATM 448 O O     . HOH C 2 .  ? -0.192  -2.093  -2.544  1.00 35.23 ? 160 HOH A O     1 
HETATM 449 O O     . HOH C 2 .  ? -7.535  -4.071  -4.540  1.00 34.61 ? 161 HOH A O     1 
HETATM 450 O O     . HOH C 2 .  ? -4.078  -5.177  2.306   1.00 32.30 ? 163 HOH A O     1 
HETATM 451 O O     . HOH C 2 .  ? 8.935   -2.510  9.358   1.00 30.73 ? 164 HOH A O     1 
HETATM 452 O O     . HOH C 2 .  ? -5.872  2.944   -11.912 1.00 36.44 ? 165 HOH A O     1 
HETATM 453 O O     . HOH C 2 .  ? 3.788   1.745   -15.232 1.00 42.19 ? 166 HOH A O     1 
HETATM 454 O O     . HOH C 2 .  ? -0.990  1.666   -9.091  1.00 34.87 ? 168 HOH A O     1 
HETATM 455 O O     . HOH C 2 .  ? -6.369  -8.056  3.688   1.00 37.02 ? 170 HOH A O     1 
HETATM 456 O O     . HOH C 2 .  ? 2.772   -4.441  12.059  1.00 32.24 ? 173 HOH A O     1 
HETATM 457 O O     . HOH C 2 .  ? -1.166  1.438   15.902  1.00 38.24 ? 174 HOH A O     1 
HETATM 458 O O     . HOH C 2 .  ? -4.881  5.819   12.391  1.00 38.85 ? 175 HOH A O     1 
HETATM 459 O O     . HOH C 2 .  ? -7.966  -6.460  1.174   1.00 44.20 ? 176 HOH A O     1 
HETATM 460 O O     A HOH C 2 .  ? -3.652  -3.830  13.456  0.50 28.12 ? 177 HOH A O     1 
HETATM 461 O O     B HOH C 2 .  ? -5.323  -3.535  14.452  0.50 24.38 ? 177 HOH A O     1 
HETATM 462 O O     . HOH C 2 .  ? -2.558  -9.919  10.256  1.00 42.40 ? 179 HOH A O     1 
HETATM 463 O O     . HOH C 2 .  ? -2.856  5.556   14.762  1.00 39.79 ? 182 HOH A O     1 
HETATM 464 O O     A HOH C 2 .  ? -5.388  -1.120  10.317  0.70 34.22 ? 185 HOH A O     1 
HETATM 465 O O     B HOH C 2 .  ? -5.083  -3.093  10.674  0.30 27.51 ? 185 HOH A O     1 
HETATM 466 O O     A HOH C 2 .  ? -8.532  3.913   -11.696 0.60 28.94 ? 187 HOH A O     1 
HETATM 467 O O     B HOH C 2 .  ? -9.823  3.118   -11.507 0.40 25.68 ? 187 HOH A O     1 
HETATM 468 O O     . HOH C 2 .  ? -5.051  0.707   13.612  1.00 40.31 ? 188 HOH A O     1 
HETATM 469 O O     . HOH C 2 .  ? -6.957  -10.998 -0.173  1.00 35.14 ? 194 HOH A O     1 
HETATM 470 O O     . HOH C 2 .  ? -6.979  -0.901  5.777   0.50 30.65 ? 195 HOH A O     1 
HETATM 471 O O     . HOH C 2 .  ? 3.720   -7.122  10.332  0.50 28.90 ? 197 HOH A O     1 
HETATM 472 O O     . HOH C 2 .  ? 1.622   0.325   -7.816  1.00 34.16 ? 200 HOH A O     1 
HETATM 473 O O     . HOH C 2 .  ? -8.096  -9.281  -4.919  0.50 27.24 ? 201 HOH A O     1 
HETATM 474 O O     A HOH C 2 .  ? -7.138  18.016  6.039   0.50 26.03 ? 203 HOH A O     1 
HETATM 475 O O     B HOH C 2 .  ? -7.024  16.931  4.443   0.50 24.77 ? 203 HOH A O     1 
HETATM 476 O O     . HOH C 2 .  ? -7.951  4.779   -9.220  0.50 29.17 ? 204 HOH A O     1 
HETATM 477 O O     . HOH C 2 .  ? 1.181   1.974   -15.758 1.00 33.56 ? 205 HOH A O     1 
HETATM 478 O O     A HOH C 2 .  ? -4.243  12.196  13.636  0.30 18.22 ? 211 HOH A O     1 
HETATM 479 O O     B HOH C 2 .  ? -0.468  13.769  -3.728  0.70 32.59 ? 211 HOH A O     1 
HETATM 480 O O     . HOH D 2 .  ? 2.878   7.684   4.518   1.00 18.12 ? 104 HOH B O     1 
HETATM 481 O O     . HOH D 2 .  ? 6.558   -0.753  -2.505  1.00 19.81 ? 105 HOH B O     1 
HETATM 482 O O     . HOH D 2 .  ? -3.293  1.790   0.232   1.00 26.67 ? 116 HOH B O     1 
HETATM 483 O O     . HOH D 2 .  ? 8.425   1.398   -2.216  1.00 24.33 ? 117 HOH B O     1 
HETATM 484 O O     . HOH D 2 .  ? 7.796   -4.893  -6.890  1.00 23.53 ? 118 HOH B O     1 
HETATM 485 O O     . HOH D 2 .  ? 7.941   -15.682 -11.549 1.00 26.82 ? 126 HOH B O     1 
HETATM 486 O O     . HOH D 2 .  ? -5.872  2.856   -0.114  1.00 29.43 ? 132 HOH B O     1 
HETATM 487 O O     . HOH D 2 .  ? 12.669  1.167   4.168   1.00 31.03 ? 133 HOH B O     1 
HETATM 488 O O     . HOH D 2 .  ? 13.708  3.288   2.800   1.00 35.84 ? 134 HOH B O     1 
HETATM 489 O O     . HOH D 2 .  ? 0.578   5.363   -3.603  1.00 25.22 ? 136 HOH B O     1 
HETATM 490 O O     . HOH D 2 .  ? 0.857   3.243   -2.014  1.00 28.52 ? 137 HOH B O     1 
HETATM 491 O O     . HOH D 2 .  ? 5.604   2.615   5.658   1.00 30.30 ? 138 HOH B O     1 
HETATM 492 O O     A HOH D 2 .  ? 2.373   0.174   -2.499  0.60 26.28 ? 139 HOH B O     1 
HETATM 493 O O     B HOH D 2 .  ? 4.076   -0.389  -3.693  0.40 29.62 ? 139 HOH B O     1 
HETATM 494 O O     . HOH D 2 .  ? 10.239  -2.219  -2.757  1.00 30.77 ? 140 HOH B O     1 
HETATM 495 O O     A HOH D 2 .  ? -6.026  1.961   3.479   0.70 27.09 ? 141 HOH B O     1 
HETATM 496 O O     B HOH D 2 .  ? -7.519  1.465   5.199   0.30 23.82 ? 141 HOH B O     1 
HETATM 497 O O     . HOH D 2 .  ? 11.318  6.910   1.074   1.00 32.10 ? 144 HOH B O     1 
HETATM 498 O O     . HOH D 2 .  ? 7.159   -7.013  3.779   1.00 32.86 ? 145 HOH B O     1 
HETATM 499 O O     . HOH D 2 .  ? 13.136  1.379   6.833   1.00 31.44 ? 149 HOH B O     1 
HETATM 500 O O     . HOH D 2 .  ? 4.232   -15.494 -12.382 1.00 35.06 ? 151 HOH B O     1 
HETATM 501 O O     . HOH D 2 .  ? -3.488  11.053  1.546   1.00 31.79 ? 152 HOH B O     1 
HETATM 502 O O     . HOH D 2 .  ? -3.381  4.778   -4.900  1.00 33.53 ? 153 HOH B O     1 
HETATM 503 O O     . HOH D 2 .  ? 14.640  -1.613  -1.294  0.50 25.87 ? 154 HOH B O     1 
HETATM 504 O O     . HOH D 2 .  ? 16.037  -3.070  -0.354  0.50 27.61 ? 155 HOH B O     1 
HETATM 505 O O     . HOH D 2 .  ? 13.909  -11.277 -5.420  1.00 33.14 ? 157 HOH B O     1 
HETATM 506 O O     . HOH D 2 .  ? 5.961   -2.787  -7.814  1.00 37.45 ? 162 HOH B O     1 
HETATM 507 O O     . HOH D 2 .  ? -6.845  3.170   -2.811  1.00 35.25 ? 167 HOH B O     1 
HETATM 508 O O     A HOH D 2 .  ? 12.681  -7.276  -5.346  0.50 22.20 ? 169 HOH B O     1 
HETATM 509 O O     B HOH D 2 .  ? 14.510  -7.207  -4.078  0.50 30.61 ? 169 HOH B O     1 
HETATM 510 O O     . HOH D 2 .  ? 13.916  3.656   6.950   1.00 35.77 ? 171 HOH B O     1 
HETATM 511 O O     . HOH D 2 .  ? 9.134   -15.012 -5.189  1.00 37.16 ? 172 HOH B O     1 
HETATM 512 O O     . HOH D 2 .  ? 13.733  -2.570  -3.400  0.50 26.66 ? 178 HOH B O     1 
HETATM 513 O O     . HOH D 2 .  ? -1.096  1.006   -1.367  1.00 33.18 ? 180 HOH B O     1 
HETATM 514 O O     . HOH D 2 .  ? -6.021  1.699   -6.523  0.50 32.58 ? 181 HOH B O     1 
HETATM 515 O O     . HOH D 2 .  ? -6.215  0.433   -3.886  0.50 34.13 ? 183 HOH B O     1 
HETATM 516 O O     . HOH D 2 .  ? 14.491  -3.638  2.815   1.00 35.48 ? 184 HOH B O     1 
HETATM 517 O O     . HOH D 2 .  ? 7.913   -2.665  -11.559 1.00 33.92 ? 186 HOH B O     1 
HETATM 518 O O     . HOH D 2 .  ? 7.881   -16.418 -7.429  1.00 39.22 ? 189 HOH B O     1 
HETATM 519 O O     . HOH D 2 .  ? 9.164   7.878   -2.740  1.00 41.47 ? 190 HOH B O     1 
HETATM 520 O O     . HOH D 2 .  ? 12.153  4.200   -1.522  1.00 37.61 ? 191 HOH B O     1 
HETATM 521 O O     . HOH D 2 .  ? 8.193   2.367   -5.096  1.00 36.21 ? 192 HOH B O     1 
HETATM 522 O O     . HOH D 2 .  ? -9.746  2.927   6.512   1.00 40.76 ? 193 HOH B O     1 
HETATM 523 O O     . HOH D 2 .  ? -0.156  2.887   -5.535  1.00 45.52 ? 196 HOH B O     1 
HETATM 524 O O     . HOH D 2 .  ? 6.568   -3.585  5.245   1.00 38.00 ? 198 HOH B O     1 
HETATM 525 O O     . HOH D 2 .  ? 4.934   -16.874 -9.905  0.50 25.75 ? 199 HOH B O     1 
HETATM 526 O O     . HOH D 2 .  ? 7.454   -1.693  -5.563  1.00 39.69 ? 202 HOH B O     1 
HETATM 527 O O     . HOH D 2 .  ? -8.274  1.370   1.866   1.00 41.26 ? 206 HOH B O     1 
HETATM 528 O O     A HOH D 2 .  ? 7.862   -5.650  -9.734  0.70 30.45 ? 207 HOH B O     1 
HETATM 529 O O     B HOH D 2 .  ? 9.336   -5.092  -11.327 0.30 17.64 ? 207 HOH B O     1 
HETATM 530 O O     . HOH D 2 .  ? -8.973  3.379   -6.719  0.50 33.01 ? 208 HOH B O     1 
HETATM 531 O O     . HOH D 2 .  ? 6.614   4.366   -3.795  0.50 31.11 ? 209 HOH B O     1 
HETATM 532 O O     . HOH D 2 .  ? 4.575   12.323  -1.985  1.00 27.71 ? 210 HOH B O     1 
HETATM 533 O O     . HOH D 2 .  ? -1.183  11.936  -5.784  1.00 38.16 ? 212 HOH B O     1 
HETATM 534 O O     . HOH D 2 .  ? 11.851  -4.509  -10.568 0.50 28.74 ? 213 HOH B O     1 
HETATM 535 O O     . HOH D 2 .  ? 3.048   14.086  -3.822  1.00 35.93 ? 214 HOH B O     1 
HETATM 536 O O     . HOH D 2 .  ? 2.852   11.403  -4.451  1.00 39.30 ? 215 HOH B O     1 
HETATM 537 O O     . HOH D 2 .  ? 1.484   12.921  -1.835  1.00 29.42 ? 216 HOH B O     1 
HETATM 538 O O     . HOH D 2 .  ? 11.052  4.170   -3.590  0.50 33.23 ? 217 HOH B O     1 
HETATM 539 O O     . HOH D 2 .  ? 7.998   -8.819  -9.008  1.00 32.77 ? 218 HOH B O     1 
HETATM 540 O O     . HOH D 2 .  ? 9.704   -7.897  -7.667  1.00 42.31 ? 219 HOH B O     1 
# 
loop_
_pdbx_poly_seq_scheme.asym_id 
_pdbx_poly_seq_scheme.entity_id 
_pdbx_poly_seq_scheme.seq_id 
_pdbx_poly_seq_scheme.mon_id 
_pdbx_poly_seq_scheme.ndb_seq_num 
_pdbx_poly_seq_scheme.pdb_seq_num 
_pdbx_poly_seq_scheme.auth_seq_num 
_pdbx_poly_seq_scheme.pdb_mon_id 
_pdbx_poly_seq_scheme.auth_mon_id 
_pdbx_poly_seq_scheme.pdb_strand_id 
_pdbx_poly_seq_scheme.pdb_ins_code 
_pdbx_poly_seq_scheme.hetero 
A 1 1  DG  1  1  1  DG  G   A . n 
A 1 2  DC  2  2  2  DC  C   A . n 
A 1 3  DG  3  3  3  DG  G   A . n 
A 1 4  DT  4  4  4  DT  T   A . n 
A 1 5  DA  5  5  5  DA  A   A . n 
A 1 6  P2T 6  6  6  P2T PRL A . n 
A 1 7  DA  7  7  7  DA  A   A . n 
A 1 8  DC  8  8  8  DC  C   A . n 
A 1 9  DG  9  9  9  DG  G   A . n 
A 1 10 DC  10 10 10 DC  C   A . n 
B 1 1  DG  1  11 11 DG  G   B . n 
B 1 2  DC  2  12 12 DC  C   B . n 
B 1 3  DG  3  13 13 DG  G   B . n 
B 1 4  DT  4  14 14 DT  T   B . n 
B 1 5  DA  5  15 15 DA  A   B . n 
B 1 6  P2T 6  16 16 P2T PRL B . n 
B 1 7  DA  7  17 17 DA  A   B . n 
B 1 8  DC  8  18 18 DC  C   B . n 
B 1 9  DG  9  19 19 DG  G   B . n 
B 1 10 DC  10 20 20 DC  C   B . n 
# 
loop_
_pdbx_nonpoly_scheme.asym_id 
_pdbx_nonpoly_scheme.entity_id 
_pdbx_nonpoly_scheme.mon_id 
_pdbx_nonpoly_scheme.ndb_seq_num 
_pdbx_nonpoly_scheme.pdb_seq_num 
_pdbx_nonpoly_scheme.auth_seq_num 
_pdbx_nonpoly_scheme.pdb_mon_id 
_pdbx_nonpoly_scheme.auth_mon_id 
_pdbx_nonpoly_scheme.pdb_strand_id 
_pdbx_nonpoly_scheme.pdb_ins_code 
C 2 HOH 1  101 101 HOH HOH A . 
C 2 HOH 2  102 102 HOH HOH A . 
C 2 HOH 3  103 103 HOH HOH A . 
C 2 HOH 4  106 106 HOH HOH A . 
C 2 HOH 5  107 107 HOH HOH A . 
C 2 HOH 6  108 108 HOH HOH A . 
C 2 HOH 7  109 109 HOH HOH A . 
C 2 HOH 8  110 110 HOH HOH A . 
C 2 HOH 9  111 111 HOH HOH A . 
C 2 HOH 10 112 112 HOH HOH A . 
C 2 HOH 11 113 113 HOH HOH A . 
C 2 HOH 12 114 114 HOH HOH A . 
C 2 HOH 13 115 115 HOH HOH A . 
C 2 HOH 14 119 119 HOH HOH A . 
C 2 HOH 15 120 120 HOH HOH A . 
C 2 HOH 16 121 121 HOH HOH A . 
C 2 HOH 17 122 122 HOH HOH A . 
C 2 HOH 18 123 123 HOH HOH A . 
C 2 HOH 19 124 124 HOH HOH A . 
C 2 HOH 20 125 125 HOH HOH A . 
C 2 HOH 21 127 127 HOH HOH A . 
C 2 HOH 22 128 128 HOH HOH A . 
C 2 HOH 23 129 129 HOH HOH A . 
C 2 HOH 24 130 130 HOH HOH A . 
C 2 HOH 25 131 131 HOH HOH A . 
C 2 HOH 26 135 135 HOH HOH A . 
C 2 HOH 27 142 142 HOH HOH A . 
C 2 HOH 28 143 143 HOH HOH A . 
C 2 HOH 29 146 146 HOH HOH A . 
C 2 HOH 30 147 147 HOH HOH A . 
C 2 HOH 31 148 148 HOH HOH A . 
C 2 HOH 32 150 150 HOH HOH A . 
C 2 HOH 33 156 156 HOH HOH A . 
C 2 HOH 34 158 158 HOH HOH A . 
C 2 HOH 35 159 159 HOH HOH A . 
C 2 HOH 36 160 160 HOH HOH A . 
C 2 HOH 37 161 161 HOH HOH A . 
C 2 HOH 38 163 163 HOH HOH A . 
C 2 HOH 39 164 164 HOH HOH A . 
C 2 HOH 40 165 165 HOH HOH A . 
C 2 HOH 41 166 166 HOH HOH A . 
C 2 HOH 42 168 168 HOH HOH A . 
C 2 HOH 43 170 170 HOH HOH A . 
C 2 HOH 44 173 173 HOH HOH A . 
C 2 HOH 45 174 174 HOH HOH A . 
C 2 HOH 46 175 175 HOH HOH A . 
C 2 HOH 47 176 176 HOH HOH A . 
C 2 HOH 48 177 177 HOH HOH A . 
C 2 HOH 49 179 179 HOH HOH A . 
C 2 HOH 50 182 182 HOH HOH A . 
C 2 HOH 51 185 185 HOH HOH A . 
C 2 HOH 52 187 187 HOH HOH A . 
C 2 HOH 53 188 188 HOH HOH A . 
C 2 HOH 54 194 194 HOH HOH A . 
C 2 HOH 55 195 195 HOH HOH A . 
C 2 HOH 56 197 197 HOH HOH A . 
C 2 HOH 57 200 200 HOH HOH A . 
C 2 HOH 58 201 201 HOH HOH A . 
C 2 HOH 59 203 203 HOH HOH A . 
C 2 HOH 60 204 204 HOH HOH A . 
C 2 HOH 61 205 205 HOH HOH A . 
C 2 HOH 62 211 211 HOH HOH A . 
D 2 HOH 1  104 104 HOH HOH B . 
D 2 HOH 2  105 105 HOH HOH B . 
D 2 HOH 3  116 116 HOH HOH B . 
D 2 HOH 4  117 117 HOH HOH B . 
D 2 HOH 5  118 118 HOH HOH B . 
D 2 HOH 6  126 126 HOH HOH B . 
D 2 HOH 7  132 132 HOH HOH B . 
D 2 HOH 8  133 133 HOH HOH B . 
D 2 HOH 9  134 134 HOH HOH B . 
D 2 HOH 10 136 136 HOH HOH B . 
D 2 HOH 11 137 137 HOH HOH B . 
D 2 HOH 12 138 138 HOH HOH B . 
D 2 HOH 13 139 139 HOH HOH B . 
D 2 HOH 14 140 140 HOH HOH B . 
D 2 HOH 15 141 141 HOH HOH B . 
D 2 HOH 16 144 144 HOH HOH B . 
D 2 HOH 17 145 145 HOH HOH B . 
D 2 HOH 18 149 149 HOH HOH B . 
D 2 HOH 19 151 151 HOH HOH B . 
D 2 HOH 20 152 152 HOH HOH B . 
D 2 HOH 21 153 153 HOH HOH B . 
D 2 HOH 22 154 154 HOH HOH B . 
D 2 HOH 23 155 155 HOH HOH B . 
D 2 HOH 24 157 157 HOH HOH B . 
D 2 HOH 25 162 162 HOH HOH B . 
D 2 HOH 26 167 167 HOH HOH B . 
D 2 HOH 27 169 169 HOH HOH B . 
D 2 HOH 28 171 171 HOH HOH B . 
D 2 HOH 29 172 172 HOH HOH B . 
D 2 HOH 30 178 178 HOH HOH B . 
D 2 HOH 31 180 180 HOH HOH B . 
D 2 HOH 32 181 181 HOH HOH B . 
D 2 HOH 33 183 183 HOH HOH B . 
D 2 HOH 34 184 184 HOH HOH B . 
D 2 HOH 35 186 186 HOH HOH B . 
D 2 HOH 36 189 189 HOH HOH B . 
D 2 HOH 37 190 190 HOH HOH B . 
D 2 HOH 38 191 191 HOH HOH B . 
D 2 HOH 39 192 192 HOH HOH B . 
D 2 HOH 40 193 193 HOH HOH B . 
D 2 HOH 41 196 196 HOH HOH B . 
D 2 HOH 42 198 198 HOH HOH B . 
D 2 HOH 43 199 199 HOH HOH B . 
D 2 HOH 44 202 202 HOH HOH B . 
D 2 HOH 45 206 206 HOH HOH B . 
D 2 HOH 46 207 207 HOH HOH B . 
D 2 HOH 47 208 208 HOH HOH B . 
D 2 HOH 48 209 209 HOH HOH B . 
D 2 HOH 49 210 210 HOH HOH B . 
D 2 HOH 50 212 212 HOH HOH B . 
D 2 HOH 51 213 213 HOH HOH B . 
D 2 HOH 52 214 214 HOH HOH B . 
D 2 HOH 53 215 215 HOH HOH B . 
D 2 HOH 54 216 216 HOH HOH B . 
D 2 HOH 55 217 217 HOH HOH B . 
D 2 HOH 56 218 218 HOH HOH B . 
D 2 HOH 57 219 219 HOH HOH B . 
# 
loop_
_pdbx_struct_mod_residue.id 
_pdbx_struct_mod_residue.label_asym_id 
_pdbx_struct_mod_residue.label_comp_id 
_pdbx_struct_mod_residue.label_seq_id 
_pdbx_struct_mod_residue.auth_asym_id 
_pdbx_struct_mod_residue.auth_comp_id 
_pdbx_struct_mod_residue.auth_seq_id 
_pdbx_struct_mod_residue.PDB_ins_code 
_pdbx_struct_mod_residue.parent_comp_id 
_pdbx_struct_mod_residue.details 
1 A P2T 6 A P2T 6  ? DT 
;2'-O-PROPYL THYMIDINE-5-MONOPHOSPHATE
;
2 B P2T 6 B P2T 16 ? DT 
;2'-O-PROPYL THYMIDINE-5-MONOPHOSPHATE
;
# 
_pdbx_struct_assembly.id                   1 
_pdbx_struct_assembly.details              author_defined_assembly 
_pdbx_struct_assembly.method_details       ? 
_pdbx_struct_assembly.oligomeric_details   dimeric 
_pdbx_struct_assembly.oligomeric_count     2 
# 
_pdbx_struct_assembly_gen.assembly_id       1 
_pdbx_struct_assembly_gen.oper_expression   1 
_pdbx_struct_assembly_gen.asym_id_list      A,B,C,D 
# 
_pdbx_struct_oper_list.id                   1 
_pdbx_struct_oper_list.type                 'identity operation' 
_pdbx_struct_oper_list.name                 1_555 
_pdbx_struct_oper_list.symmetry_operation   x,y,z 
_pdbx_struct_oper_list.matrix[1][1]         1.0000000000 
_pdbx_struct_oper_list.matrix[1][2]         0.0000000000 
_pdbx_struct_oper_list.matrix[1][3]         0.0000000000 
_pdbx_struct_oper_list.vector[1]            0.0000000000 
_pdbx_struct_oper_list.matrix[2][1]         0.0000000000 
_pdbx_struct_oper_list.matrix[2][2]         1.0000000000 
_pdbx_struct_oper_list.matrix[2][3]         0.0000000000 
_pdbx_struct_oper_list.vector[2]            0.0000000000 
_pdbx_struct_oper_list.matrix[3][1]         0.0000000000 
_pdbx_struct_oper_list.matrix[3][2]         0.0000000000 
_pdbx_struct_oper_list.matrix[3][3]         1.0000000000 
_pdbx_struct_oper_list.vector[3]            0.0000000000 
# 
loop_
_pdbx_audit_revision_history.ordinal 
_pdbx_audit_revision_history.data_content_type 
_pdbx_audit_revision_history.major_revision 
_pdbx_audit_revision_history.minor_revision 
_pdbx_audit_revision_history.revision_date 
1 'Structure model' 1 0 2005-06-28 
2 'Structure model' 1 1 2008-04-30 
3 'Structure model' 1 2 2011-07-13 
4 'Structure model' 1 3 2023-08-23 
# 
_pdbx_audit_revision_details.ordinal             1 
_pdbx_audit_revision_details.revision_ordinal    1 
_pdbx_audit_revision_details.data_content_type   'Structure model' 
_pdbx_audit_revision_details.provider            repository 
_pdbx_audit_revision_details.type                'Initial release' 
_pdbx_audit_revision_details.description         ? 
_pdbx_audit_revision_details.details             ? 
# 
loop_
_pdbx_audit_revision_group.ordinal 
_pdbx_audit_revision_group.revision_ordinal 
_pdbx_audit_revision_group.data_content_type 
_pdbx_audit_revision_group.group 
1 2 'Structure model' 'Version format compliance' 
2 3 'Structure model' 'Version format compliance' 
3 4 'Structure model' 'Data collection'           
4 4 'Structure model' 'Database references'       
5 4 'Structure model' 'Derived calculations'      
6 4 'Structure model' 'Refinement description'    
# 
loop_
_pdbx_audit_revision_category.ordinal 
_pdbx_audit_revision_category.revision_ordinal 
_pdbx_audit_revision_category.data_content_type 
_pdbx_audit_revision_category.category 
1 4 'Structure model' chem_comp_atom                
2 4 'Structure model' chem_comp_bond                
3 4 'Structure model' database_2                    
4 4 'Structure model' pdbx_initial_refinement_model 
5 4 'Structure model' struct_conn                   
# 
loop_
_pdbx_audit_revision_item.ordinal 
_pdbx_audit_revision_item.revision_ordinal 
_pdbx_audit_revision_item.data_content_type 
_pdbx_audit_revision_item.item 
1 4 'Structure model' '_database_2.pdbx_DOI'                
2 4 'Structure model' '_database_2.pdbx_database_accession' 
3 4 'Structure model' '_struct_conn.pdbx_leaving_atom_flag' 
# 
loop_
_software.name 
_software.classification 
_software.version 
_software.citation_id 
_software.pdbx_ordinal 
DENZO     'data reduction' . ? 1 
SCALEPACK 'data scaling'   . ? 2 
AMoRE     phasing          . ? 3 
CNS       refinement       . ? 4 
# 
loop_
_chem_comp_atom.comp_id 
_chem_comp_atom.atom_id 
_chem_comp_atom.type_symbol 
_chem_comp_atom.pdbx_aromatic_flag 
_chem_comp_atom.pdbx_stereo_config 
_chem_comp_atom.pdbx_ordinal 
DA  OP3    O N N 1   
DA  P      P N N 2   
DA  OP1    O N N 3   
DA  OP2    O N N 4   
DA  "O5'"  O N N 5   
DA  "C5'"  C N N 6   
DA  "C4'"  C N R 7   
DA  "O4'"  O N N 8   
DA  "C3'"  C N S 9   
DA  "O3'"  O N N 10  
DA  "C2'"  C N N 11  
DA  "C1'"  C N R 12  
DA  N9     N Y N 13  
DA  C8     C Y N 14  
DA  N7     N Y N 15  
DA  C5     C Y N 16  
DA  C6     C Y N 17  
DA  N6     N N N 18  
DA  N1     N Y N 19  
DA  C2     C Y N 20  
DA  N3     N Y N 21  
DA  C4     C Y N 22  
DA  HOP3   H N N 23  
DA  HOP2   H N N 24  
DA  "H5'"  H N N 25  
DA  "H5''" H N N 26  
DA  "H4'"  H N N 27  
DA  "H3'"  H N N 28  
DA  "HO3'" H N N 29  
DA  "H2'"  H N N 30  
DA  "H2''" H N N 31  
DA  "H1'"  H N N 32  
DA  H8     H N N 33  
DA  H61    H N N 34  
DA  H62    H N N 35  
DA  H2     H N N 36  
DC  OP3    O N N 37  
DC  P      P N N 38  
DC  OP1    O N N 39  
DC  OP2    O N N 40  
DC  "O5'"  O N N 41  
DC  "C5'"  C N N 42  
DC  "C4'"  C N R 43  
DC  "O4'"  O N N 44  
DC  "C3'"  C N S 45  
DC  "O3'"  O N N 46  
DC  "C2'"  C N N 47  
DC  "C1'"  C N R 48  
DC  N1     N N N 49  
DC  C2     C N N 50  
DC  O2     O N N 51  
DC  N3     N N N 52  
DC  C4     C N N 53  
DC  N4     N N N 54  
DC  C5     C N N 55  
DC  C6     C N N 56  
DC  HOP3   H N N 57  
DC  HOP2   H N N 58  
DC  "H5'"  H N N 59  
DC  "H5''" H N N 60  
DC  "H4'"  H N N 61  
DC  "H3'"  H N N 62  
DC  "HO3'" H N N 63  
DC  "H2'"  H N N 64  
DC  "H2''" H N N 65  
DC  "H1'"  H N N 66  
DC  H41    H N N 67  
DC  H42    H N N 68  
DC  H5     H N N 69  
DC  H6     H N N 70  
DG  OP3    O N N 71  
DG  P      P N N 72  
DG  OP1    O N N 73  
DG  OP2    O N N 74  
DG  "O5'"  O N N 75  
DG  "C5'"  C N N 76  
DG  "C4'"  C N R 77  
DG  "O4'"  O N N 78  
DG  "C3'"  C N S 79  
DG  "O3'"  O N N 80  
DG  "C2'"  C N N 81  
DG  "C1'"  C N R 82  
DG  N9     N Y N 83  
DG  C8     C Y N 84  
DG  N7     N Y N 85  
DG  C5     C Y N 86  
DG  C6     C N N 87  
DG  O6     O N N 88  
DG  N1     N N N 89  
DG  C2     C N N 90  
DG  N2     N N N 91  
DG  N3     N N N 92  
DG  C4     C Y N 93  
DG  HOP3   H N N 94  
DG  HOP2   H N N 95  
DG  "H5'"  H N N 96  
DG  "H5''" H N N 97  
DG  "H4'"  H N N 98  
DG  "H3'"  H N N 99  
DG  "HO3'" H N N 100 
DG  "H2'"  H N N 101 
DG  "H2''" H N N 102 
DG  "H1'"  H N N 103 
DG  H8     H N N 104 
DG  H1     H N N 105 
DG  H21    H N N 106 
DG  H22    H N N 107 
DT  OP3    O N N 108 
DT  P      P N N 109 
DT  OP1    O N N 110 
DT  OP2    O N N 111 
DT  "O5'"  O N N 112 
DT  "C5'"  C N N 113 
DT  "C4'"  C N R 114 
DT  "O4'"  O N N 115 
DT  "C3'"  C N S 116 
DT  "O3'"  O N N 117 
DT  "C2'"  C N N 118 
DT  "C1'"  C N R 119 
DT  N1     N N N 120 
DT  C2     C N N 121 
DT  O2     O N N 122 
DT  N3     N N N 123 
DT  C4     C N N 124 
DT  O4     O N N 125 
DT  C5     C N N 126 
DT  C7     C N N 127 
DT  C6     C N N 128 
DT  HOP3   H N N 129 
DT  HOP2   H N N 130 
DT  "H5'"  H N N 131 
DT  "H5''" H N N 132 
DT  "H4'"  H N N 133 
DT  "H3'"  H N N 134 
DT  "HO3'" H N N 135 
DT  "H2'"  H N N 136 
DT  "H2''" H N N 137 
DT  "H1'"  H N N 138 
DT  H3     H N N 139 
DT  H71    H N N 140 
DT  H72    H N N 141 
DT  H73    H N N 142 
DT  H6     H N N 143 
HOH O      O N N 144 
HOH H1     H N N 145 
HOH H2     H N N 146 
P2T P      P N N 147 
P2T OP1    O N N 148 
P2T OP2    O N N 149 
P2T "O5'"  O N N 150 
P2T "C5'"  C N N 151 
P2T "C4'"  C N R 152 
P2T "O4'"  O N N 153 
P2T "C1'"  C N R 154 
P2T N1     N N N 155 
P2T C6     C N N 156 
P2T C2     C N N 157 
P2T O2     O N N 158 
P2T N3     N N N 159 
P2T C4     C N N 160 
P2T O4     O N N 161 
P2T C5     C N N 162 
P2T C5M    C N N 163 
P2T "C2'"  C N R 164 
P2T "O2'"  O N N 165 
P2T "CB'"  C N N 166 
P2T "CC'"  C N N 167 
P2T "CD'"  C N N 168 
P2T "C3'"  C N R 169 
P2T "O3'"  O N N 170 
P2T OP3    O N N 171 
P2T HOP2   H N N 172 
P2T "H5'"  H N N 173 
P2T "H5''" H N N 174 
P2T "H4'"  H N N 175 
P2T "H1'"  H N N 176 
P2T H6     H N N 177 
P2T HN3    H N N 178 
P2T H71    H N N 179 
P2T H72    H N N 180 
P2T H73    H N N 181 
P2T "H2'"  H N N 182 
P2T "HB'1" H N N 183 
P2T "HB'2" H N N 184 
P2T "HC'1" H N N 185 
P2T "HC'2" H N N 186 
P2T "HD'1" H N N 187 
P2T "HD'2" H N N 188 
P2T "HD'3" H N N 189 
P2T "H3'"  H N N 190 
P2T "HO3'" H N N 191 
P2T HOP3   H N N 192 
# 
loop_
_chem_comp_bond.comp_id 
_chem_comp_bond.atom_id_1 
_chem_comp_bond.atom_id_2 
_chem_comp_bond.value_order 
_chem_comp_bond.pdbx_aromatic_flag 
_chem_comp_bond.pdbx_stereo_config 
_chem_comp_bond.pdbx_ordinal 
DA  OP3   P      sing N N 1   
DA  OP3   HOP3   sing N N 2   
DA  P     OP1    doub N N 3   
DA  P     OP2    sing N N 4   
DA  P     "O5'"  sing N N 5   
DA  OP2   HOP2   sing N N 6   
DA  "O5'" "C5'"  sing N N 7   
DA  "C5'" "C4'"  sing N N 8   
DA  "C5'" "H5'"  sing N N 9   
DA  "C5'" "H5''" sing N N 10  
DA  "C4'" "O4'"  sing N N 11  
DA  "C4'" "C3'"  sing N N 12  
DA  "C4'" "H4'"  sing N N 13  
DA  "O4'" "C1'"  sing N N 14  
DA  "C3'" "O3'"  sing N N 15  
DA  "C3'" "C2'"  sing N N 16  
DA  "C3'" "H3'"  sing N N 17  
DA  "O3'" "HO3'" sing N N 18  
DA  "C2'" "C1'"  sing N N 19  
DA  "C2'" "H2'"  sing N N 20  
DA  "C2'" "H2''" sing N N 21  
DA  "C1'" N9     sing N N 22  
DA  "C1'" "H1'"  sing N N 23  
DA  N9    C8     sing Y N 24  
DA  N9    C4     sing Y N 25  
DA  C8    N7     doub Y N 26  
DA  C8    H8     sing N N 27  
DA  N7    C5     sing Y N 28  
DA  C5    C6     sing Y N 29  
DA  C5    C4     doub Y N 30  
DA  C6    N6     sing N N 31  
DA  C6    N1     doub Y N 32  
DA  N6    H61    sing N N 33  
DA  N6    H62    sing N N 34  
DA  N1    C2     sing Y N 35  
DA  C2    N3     doub Y N 36  
DA  C2    H2     sing N N 37  
DA  N3    C4     sing Y N 38  
DC  OP3   P      sing N N 39  
DC  OP3   HOP3   sing N N 40  
DC  P     OP1    doub N N 41  
DC  P     OP2    sing N N 42  
DC  P     "O5'"  sing N N 43  
DC  OP2   HOP2   sing N N 44  
DC  "O5'" "C5'"  sing N N 45  
DC  "C5'" "C4'"  sing N N 46  
DC  "C5'" "H5'"  sing N N 47  
DC  "C5'" "H5''" sing N N 48  
DC  "C4'" "O4'"  sing N N 49  
DC  "C4'" "C3'"  sing N N 50  
DC  "C4'" "H4'"  sing N N 51  
DC  "O4'" "C1'"  sing N N 52  
DC  "C3'" "O3'"  sing N N 53  
DC  "C3'" "C2'"  sing N N 54  
DC  "C3'" "H3'"  sing N N 55  
DC  "O3'" "HO3'" sing N N 56  
DC  "C2'" "C1'"  sing N N 57  
DC  "C2'" "H2'"  sing N N 58  
DC  "C2'" "H2''" sing N N 59  
DC  "C1'" N1     sing N N 60  
DC  "C1'" "H1'"  sing N N 61  
DC  N1    C2     sing N N 62  
DC  N1    C6     sing N N 63  
DC  C2    O2     doub N N 64  
DC  C2    N3     sing N N 65  
DC  N3    C4     doub N N 66  
DC  C4    N4     sing N N 67  
DC  C4    C5     sing N N 68  
DC  N4    H41    sing N N 69  
DC  N4    H42    sing N N 70  
DC  C5    C6     doub N N 71  
DC  C5    H5     sing N N 72  
DC  C6    H6     sing N N 73  
DG  OP3   P      sing N N 74  
DG  OP3   HOP3   sing N N 75  
DG  P     OP1    doub N N 76  
DG  P     OP2    sing N N 77  
DG  P     "O5'"  sing N N 78  
DG  OP2   HOP2   sing N N 79  
DG  "O5'" "C5'"  sing N N 80  
DG  "C5'" "C4'"  sing N N 81  
DG  "C5'" "H5'"  sing N N 82  
DG  "C5'" "H5''" sing N N 83  
DG  "C4'" "O4'"  sing N N 84  
DG  "C4'" "C3'"  sing N N 85  
DG  "C4'" "H4'"  sing N N 86  
DG  "O4'" "C1'"  sing N N 87  
DG  "C3'" "O3'"  sing N N 88  
DG  "C3'" "C2'"  sing N N 89  
DG  "C3'" "H3'"  sing N N 90  
DG  "O3'" "HO3'" sing N N 91  
DG  "C2'" "C1'"  sing N N 92  
DG  "C2'" "H2'"  sing N N 93  
DG  "C2'" "H2''" sing N N 94  
DG  "C1'" N9     sing N N 95  
DG  "C1'" "H1'"  sing N N 96  
DG  N9    C8     sing Y N 97  
DG  N9    C4     sing Y N 98  
DG  C8    N7     doub Y N 99  
DG  C8    H8     sing N N 100 
DG  N7    C5     sing Y N 101 
DG  C5    C6     sing N N 102 
DG  C5    C4     doub Y N 103 
DG  C6    O6     doub N N 104 
DG  C6    N1     sing N N 105 
DG  N1    C2     sing N N 106 
DG  N1    H1     sing N N 107 
DG  C2    N2     sing N N 108 
DG  C2    N3     doub N N 109 
DG  N2    H21    sing N N 110 
DG  N2    H22    sing N N 111 
DG  N3    C4     sing N N 112 
DT  OP3   P      sing N N 113 
DT  OP3   HOP3   sing N N 114 
DT  P     OP1    doub N N 115 
DT  P     OP2    sing N N 116 
DT  P     "O5'"  sing N N 117 
DT  OP2   HOP2   sing N N 118 
DT  "O5'" "C5'"  sing N N 119 
DT  "C5'" "C4'"  sing N N 120 
DT  "C5'" "H5'"  sing N N 121 
DT  "C5'" "H5''" sing N N 122 
DT  "C4'" "O4'"  sing N N 123 
DT  "C4'" "C3'"  sing N N 124 
DT  "C4'" "H4'"  sing N N 125 
DT  "O4'" "C1'"  sing N N 126 
DT  "C3'" "O3'"  sing N N 127 
DT  "C3'" "C2'"  sing N N 128 
DT  "C3'" "H3'"  sing N N 129 
DT  "O3'" "HO3'" sing N N 130 
DT  "C2'" "C1'"  sing N N 131 
DT  "C2'" "H2'"  sing N N 132 
DT  "C2'" "H2''" sing N N 133 
DT  "C1'" N1     sing N N 134 
DT  "C1'" "H1'"  sing N N 135 
DT  N1    C2     sing N N 136 
DT  N1    C6     sing N N 137 
DT  C2    O2     doub N N 138 
DT  C2    N3     sing N N 139 
DT  N3    C4     sing N N 140 
DT  N3    H3     sing N N 141 
DT  C4    O4     doub N N 142 
DT  C4    C5     sing N N 143 
DT  C5    C7     sing N N 144 
DT  C5    C6     doub N N 145 
DT  C7    H71    sing N N 146 
DT  C7    H72    sing N N 147 
DT  C7    H73    sing N N 148 
DT  C6    H6     sing N N 149 
HOH O     H1     sing N N 150 
HOH O     H2     sing N N 151 
P2T P     OP1    doub N N 152 
P2T P     OP2    sing N N 153 
P2T P     "O5'"  sing N N 154 
P2T P     OP3    sing N N 155 
P2T OP2   HOP2   sing N N 156 
P2T "O5'" "C5'"  sing N N 157 
P2T "C5'" "C4'"  sing N N 158 
P2T "C5'" "H5'"  sing N N 159 
P2T "C5'" "H5''" sing N N 160 
P2T "C4'" "O4'"  sing N N 161 
P2T "C4'" "C3'"  sing N N 162 
P2T "C4'" "H4'"  sing N N 163 
P2T "O4'" "C1'"  sing N N 164 
P2T "C1'" N1     sing N N 165 
P2T "C1'" "C2'"  sing N N 166 
P2T "C1'" "H1'"  sing N N 167 
P2T N1    C6     sing N N 168 
P2T N1    C2     sing N N 169 
P2T C6    C5     doub N N 170 
P2T C6    H6     sing N N 171 
P2T C2    O2     doub N N 172 
P2T C2    N3     sing N N 173 
P2T N3    C4     sing N N 174 
P2T N3    HN3    sing N N 175 
P2T C4    O4     doub N N 176 
P2T C4    C5     sing N N 177 
P2T C5    C5M    sing N N 178 
P2T C5M   H71    sing N N 179 
P2T C5M   H72    sing N N 180 
P2T C5M   H73    sing N N 181 
P2T "C2'" "O2'"  sing N N 182 
P2T "C2'" "C3'"  sing N N 183 
P2T "C2'" "H2'"  sing N N 184 
P2T "O2'" "CB'"  sing N N 185 
P2T "CB'" "CC'"  sing N N 186 
P2T "CB'" "HB'1" sing N N 187 
P2T "CB'" "HB'2" sing N N 188 
P2T "CC'" "CD'"  sing N N 189 
P2T "CC'" "HC'1" sing N N 190 
P2T "CC'" "HC'2" sing N N 191 
P2T "CD'" "HD'1" sing N N 192 
P2T "CD'" "HD'2" sing N N 193 
P2T "CD'" "HD'3" sing N N 194 
P2T "C3'" "O3'"  sing N N 195 
P2T "C3'" "H3'"  sing N N 196 
P2T "O3'" "HO3'" sing N N 197 
P2T OP3   HOP3   sing N N 198 
# 
_ndb_struct_conf_na.entry_id   1Y8V 
_ndb_struct_conf_na.feature    'a-form double helix' 
# 
loop_
_ndb_struct_na_base_pair.model_number 
_ndb_struct_na_base_pair.i_label_asym_id 
_ndb_struct_na_base_pair.i_label_comp_id 
_ndb_struct_na_base_pair.i_label_seq_id 
_ndb_struct_na_base_pair.i_symmetry 
_ndb_struct_na_base_pair.j_label_asym_id 
_ndb_struct_na_base_pair.j_label_comp_id 
_ndb_struct_na_base_pair.j_label_seq_id 
_ndb_struct_na_base_pair.j_symmetry 
_ndb_struct_na_base_pair.shear 
_ndb_struct_na_base_pair.stretch 
_ndb_struct_na_base_pair.stagger 
_ndb_struct_na_base_pair.buckle 
_ndb_struct_na_base_pair.propeller 
_ndb_struct_na_base_pair.opening 
_ndb_struct_na_base_pair.pair_number 
_ndb_struct_na_base_pair.pair_name 
_ndb_struct_na_base_pair.i_auth_asym_id 
_ndb_struct_na_base_pair.i_auth_seq_id 
_ndb_struct_na_base_pair.i_PDB_ins_code 
_ndb_struct_na_base_pair.j_auth_asym_id 
_ndb_struct_na_base_pair.j_auth_seq_id 
_ndb_struct_na_base_pair.j_PDB_ins_code 
_ndb_struct_na_base_pair.hbond_type_28 
_ndb_struct_na_base_pair.hbond_type_12 
1 A DG  1  1_555 B DC  10 1_555 -0.315 -0.171 0.196  1.596  -5.119  -0.972 1  A_DG1:DC20_B  A 1  ? B 20 ? 19 1 
1 A DC  2  1_555 B DG  9  1_555 0.112  0.006  0.095  4.473  -13.329 1.535  2  A_DC2:DG19_B  A 2  ? B 19 ? 19 1 
1 A DG  3  1_555 B DC  8  1_555 -0.284 -0.208 0.073  -6.466 -15.469 0.315  3  A_DG3:DC18_B  A 3  ? B 18 ? 19 1 
1 A DT  4  1_555 B DA  7  1_555 -0.185 -0.110 -0.024 -6.080 -17.343 -0.350 4  A_DT4:DA17_B  A 4  ? B 17 ? 20 1 
1 A DA  5  1_555 B P2T 6  1_555 0.133  -0.078 0.199  -1.062 -11.155 -4.834 5  A_DA5:P2T16_B A 5  ? B 16 ? 20 1 
1 A P2T 6  1_555 B DA  5  1_555 -0.151 -0.139 0.221  6.405  -12.392 3.569  6  A_P2T6:DA15_B A 6  ? B 15 ? 20 1 
1 A DA  7  1_555 B DT  4  1_555 -0.015 -0.124 0.082  6.226  -12.313 2.744  7  A_DA7:DT14_B  A 7  ? B 14 ? 20 1 
1 A DC  8  1_555 B DG  3  1_555 0.129  -0.185 -0.162 10.289 -13.195 0.952  8  A_DC8:DG13_B  A 8  ? B 13 ? 19 1 
1 A DG  9  1_555 B DC  2  1_555 -0.201 -0.124 -0.087 -7.235 -10.383 1.312  9  A_DG9:DC12_B  A 9  ? B 12 ? 19 1 
1 A DC  10 1_555 B DG  1  1_555 0.195  -0.151 0.048  -2.615 2.067   0.230  10 A_DC10:DG11_B A 10 ? B 11 ? 19 1 
# 
loop_
_ndb_struct_na_base_pair_step.model_number 
_ndb_struct_na_base_pair_step.i_label_asym_id_1 
_ndb_struct_na_base_pair_step.i_label_comp_id_1 
_ndb_struct_na_base_pair_step.i_label_seq_id_1 
_ndb_struct_na_base_pair_step.i_symmetry_1 
_ndb_struct_na_base_pair_step.j_label_asym_id_1 
_ndb_struct_na_base_pair_step.j_label_comp_id_1 
_ndb_struct_na_base_pair_step.j_label_seq_id_1 
_ndb_struct_na_base_pair_step.j_symmetry_1 
_ndb_struct_na_base_pair_step.i_label_asym_id_2 
_ndb_struct_na_base_pair_step.i_label_comp_id_2 
_ndb_struct_na_base_pair_step.i_label_seq_id_2 
_ndb_struct_na_base_pair_step.i_symmetry_2 
_ndb_struct_na_base_pair_step.j_label_asym_id_2 
_ndb_struct_na_base_pair_step.j_label_comp_id_2 
_ndb_struct_na_base_pair_step.j_label_seq_id_2 
_ndb_struct_na_base_pair_step.j_symmetry_2 
_ndb_struct_na_base_pair_step.shift 
_ndb_struct_na_base_pair_step.slide 
_ndb_struct_na_base_pair_step.rise 
_ndb_struct_na_base_pair_step.tilt 
_ndb_struct_na_base_pair_step.roll 
_ndb_struct_na_base_pair_step.twist 
_ndb_struct_na_base_pair_step.x_displacement 
_ndb_struct_na_base_pair_step.y_displacement 
_ndb_struct_na_base_pair_step.helical_rise 
_ndb_struct_na_base_pair_step.inclination 
_ndb_struct_na_base_pair_step.tip 
_ndb_struct_na_base_pair_step.helical_twist 
_ndb_struct_na_base_pair_step.step_number 
_ndb_struct_na_base_pair_step.step_name 
_ndb_struct_na_base_pair_step.i_auth_asym_id_1 
_ndb_struct_na_base_pair_step.i_auth_seq_id_1 
_ndb_struct_na_base_pair_step.i_PDB_ins_code_1 
_ndb_struct_na_base_pair_step.j_auth_asym_id_1 
_ndb_struct_na_base_pair_step.j_auth_seq_id_1 
_ndb_struct_na_base_pair_step.j_PDB_ins_code_1 
_ndb_struct_na_base_pair_step.i_auth_asym_id_2 
_ndb_struct_na_base_pair_step.i_auth_seq_id_2 
_ndb_struct_na_base_pair_step.i_PDB_ins_code_2 
_ndb_struct_na_base_pair_step.j_auth_asym_id_2 
_ndb_struct_na_base_pair_step.j_auth_seq_id_2 
_ndb_struct_na_base_pair_step.j_PDB_ins_code_2 
1 A DG  1 1_555 B DC  10 1_555 A DC  2  1_555 B DG  9 1_555 0.313  -1.510 3.235 2.150  -0.290 38.677 -2.242 -0.210 3.258 -0.438 
-3.244 38.736 1 AA_DG1DC2:DG19DC20_BB   A 1 ? B 20 ? A 2  ? B 19 ? 
1 A DC  2 1_555 B DG  9  1_555 A DG  3  1_555 B DC  8 1_555 0.164  -2.264 3.429 1.567  10.660 25.420 -7.132 0.006  2.314 22.955 
-3.375 27.575 2 AA_DC2DG3:DC18DG19_BB   A 2 ? B 19 ? A 3  ? B 18 ? 
1 A DG  3 1_555 B DC  8  1_555 A DT  4  1_555 B DA  7 1_555 -1.086 -1.428 3.190 -1.842 5.145  36.448 -2.926 1.480  3.017 8.169  
2.925  36.841 3 AA_DG3DT4:DA17DC18_BB   A 3 ? B 18 ? A 4  ? B 17 ? 
1 A DT  4 1_555 B DA  7  1_555 A DA  5  1_555 B P2T 6 1_555 0.572  -1.550 3.141 0.484  18.501 24.588 -5.885 -1.004 1.617 37.409 
-0.979 30.689 4 AA_DT4DA5:P2T16DA17_BB  A 4 ? B 17 ? A 5  ? B 16 ? 
1 A DA  5 1_555 B P2T 6  1_555 A P2T 6  1_555 B DA  5 1_555 0.681  -1.356 3.125 0.829  4.889  31.728 -3.265 -1.094 2.906 8.874  
-1.505 32.103 5 AA_DA5P2T6:DA15P2T16_BB A 5 ? B 16 ? A 6  ? B 15 ? 
1 A P2T 6 1_555 B DA  5  1_555 A DA  7  1_555 B DT  4 1_555 -0.079 -1.412 3.091 0.991  13.561 30.884 -4.337 0.276  2.284 24.056 
-1.758 33.678 6 AA_P2T6DA7:DT14DA15_BB  A 6 ? B 15 ? A 7  ? B 14 ? 
1 A DA  7 1_555 B DT  4  1_555 A DC  8  1_555 B DG  3 1_555 0.148  -1.711 3.279 1.456  4.094  30.881 -3.940 -0.006 3.036 7.640  
-2.717 31.178 7 AA_DA7DC8:DG13DT14_BB   A 7 ? B 14 ? A 8  ? B 13 ? 
1 A DC  8 1_555 B DG  3  1_555 A DG  9  1_555 B DC  2 1_555 -0.345 -1.909 3.650 -0.241 13.057 29.250 -5.825 0.582  2.587 24.382 
0.451  31.975 8 AA_DC8DG9:DC12DG13_BB   A 8 ? B 13 ? A 9  ? B 12 ? 
1 A DG  9 1_555 B DC  2  1_555 A DC  10 1_555 B DG  1 1_555 0.228  -1.492 3.251 0.665  3.159  35.286 -2.904 -0.280 3.113 5.197  
-1.094 35.428 9 AA_DG9DC10:DG11DC12_BB  A 9 ? B 12 ? A 10 ? B 11 ? 
# 
_pdbx_entity_nonpoly.entity_id   2 
_pdbx_entity_nonpoly.name        water 
_pdbx_entity_nonpoly.comp_id     HOH 
# 
_pdbx_initial_refinement_model.id               1 
_pdbx_initial_refinement_model.entity_id_list   ? 
_pdbx_initial_refinement_model.type             'experimental model' 
_pdbx_initial_refinement_model.source_name      PDB 
_pdbx_initial_refinement_model.accession_code   410D 
_pdbx_initial_refinement_model.details          ? 
# 
